data_9J4K
#
_entry.id   9J4K
#
_cell.length_a   167.580
_cell.length_b   167.580
_cell.length_c   85.478
_cell.angle_alpha   90.000
_cell.angle_beta   90.000
_cell.angle_gamma   120.000
#
_symmetry.space_group_name_H-M   'P 65'
#
loop_
_entity.id
_entity.type
_entity.pdbx_description
1 polymer 'DFA-III-forming inulin fructotransferase'
2 branched beta-D-fructofuranose-(2-1)-beta-D-fructofuranose-(2-1)-alpha-D-glucopyranose
3 water water
#
_entity_poly.entity_id   1
_entity_poly.type   'polypeptide(L)'
_entity_poly.pdbx_seq_one_letter_code
;PLNSPNVYDVTAWRIKGQPKVTAESDIGAVINDIIADIKKRQSTPETRPGAVVIIPPGDYDLHTQVVVDVDYLTIAGFGH
GFFSRSIKDNVDTTGWLNLQPGGSHIRVLTPPTSPQAFLVRRDGSPRLSGIVFKDFCLDGVSFVPDGNSYKNGKTGIDVA
SDNDSIHITGMGFVYLEHALIVRGADALRVHDNMVAECGNCVELTGAGQATIVSDNLMGAGPEGVTLLAENHEGLLVTGN
NFFPRGRSLLEFTGCNRCSVTSNRFQGFYPGMMRLLNGCKENLITSNHFRRGTEGFPPFIDRTNGLDDLYGVIHAMGDNN
LISNNLFAYDVPPGKIAPAGAQPTIMLIAGGDGNVIATNHVISNVDTQHVVLDGSATRSKVLDSGAASTITSYSPDTAIR
PTPH
;
_entity_poly.pdbx_strand_id   A,B,C
#
loop_
_chem_comp.id
_chem_comp.type
_chem_comp.name
_chem_comp.formula
FRU D-saccharide, beta linking beta-D-fructofuranose 'C6 H12 O6'
GLC D-saccharide, alpha linking alpha-D-glucopyranose 'C6 H12 O6'
#
# COMPACT_ATOMS: atom_id res chain seq x y z
N PRO A 1 3.54 -23.65 -23.05
CA PRO A 1 2.79 -23.49 -21.78
C PRO A 1 1.42 -22.82 -21.99
N LEU A 2 1.40 -21.60 -22.53
CA LEU A 2 0.19 -20.90 -23.05
C LEU A 2 0.34 -20.80 -24.57
N ASN A 3 -0.73 -20.54 -25.31
CA ASN A 3 -0.71 -20.58 -26.80
C ASN A 3 -0.21 -19.24 -27.35
N SER A 4 0.79 -18.64 -26.69
CA SER A 4 1.41 -17.35 -27.06
C SER A 4 2.91 -17.54 -27.10
N PRO A 5 3.60 -16.99 -28.13
CA PRO A 5 5.06 -17.06 -28.18
C PRO A 5 5.69 -16.03 -27.23
N ASN A 6 4.87 -15.20 -26.58
CA ASN A 6 5.32 -14.11 -25.66
C ASN A 6 5.32 -14.62 -24.21
N VAL A 7 5.14 -15.93 -24.01
CA VAL A 7 5.20 -16.57 -22.66
C VAL A 7 6.34 -17.59 -22.67
N TYR A 8 7.35 -17.39 -21.83
CA TYR A 8 8.57 -18.21 -21.76
C TYR A 8 8.74 -18.78 -20.36
N ASP A 9 9.02 -20.08 -20.31
CA ASP A 9 9.37 -20.83 -19.08
C ASP A 9 10.88 -21.06 -19.12
N VAL A 10 11.66 -20.44 -18.22
CA VAL A 10 13.15 -20.53 -18.30
C VAL A 10 13.60 -21.99 -18.23
N THR A 11 12.84 -22.88 -17.56
CA THR A 11 13.22 -24.31 -17.38
C THR A 11 12.92 -25.14 -18.63
N ALA A 12 12.23 -24.57 -19.64
CA ALA A 12 11.87 -25.28 -20.90
C ALA A 12 12.64 -24.71 -22.09
N TRP A 13 13.30 -23.57 -21.95
CA TRP A 13 14.02 -22.89 -23.06
C TRP A 13 15.37 -23.58 -23.29
N ARG A 14 15.66 -23.96 -24.53
CA ARG A 14 16.97 -24.50 -24.96
C ARG A 14 17.67 -23.47 -25.84
N ILE A 15 18.93 -23.15 -25.54
CA ILE A 15 19.78 -22.28 -26.38
C ILE A 15 20.31 -23.13 -27.53
N LYS A 16 19.94 -22.78 -28.77
CA LYS A 16 20.39 -23.46 -30.01
C LYS A 16 21.91 -23.34 -30.09
N GLY A 17 22.62 -24.48 -30.23
CA GLY A 17 24.09 -24.53 -30.32
C GLY A 17 24.76 -24.65 -28.96
N GLN A 18 24.04 -24.39 -27.87
CA GLN A 18 24.55 -24.51 -26.47
C GLN A 18 23.61 -25.42 -25.69
N PRO A 19 23.50 -26.72 -26.05
CA PRO A 19 22.50 -27.60 -25.46
C PRO A 19 22.75 -28.01 -24.00
N LYS A 20 23.92 -27.66 -23.43
CA LYS A 20 24.32 -28.00 -22.04
C LYS A 20 23.95 -26.86 -21.08
N VAL A 21 23.62 -25.68 -21.62
CA VAL A 21 23.26 -24.48 -20.80
C VAL A 21 21.80 -24.60 -20.38
N THR A 22 21.55 -24.74 -19.08
CA THR A 22 20.20 -24.80 -18.47
C THR A 22 20.00 -23.53 -17.65
N ALA A 23 18.77 -23.30 -17.17
CA ALA A 23 18.46 -22.20 -16.23
C ALA A 23 19.23 -22.42 -14.93
N GLU A 24 19.47 -23.67 -14.55
CA GLU A 24 20.26 -24.05 -13.35
C GLU A 24 21.73 -23.65 -13.55
N SER A 25 22.32 -23.96 -14.71
CA SER A 25 23.76 -23.72 -14.97
C SER A 25 24.01 -22.22 -15.19
N ASP A 26 23.18 -21.52 -15.97
CA ASP A 26 23.35 -20.07 -16.23
C ASP A 26 22.03 -19.47 -16.73
N ILE A 27 21.13 -19.12 -15.82
CA ILE A 27 19.80 -18.51 -16.15
C ILE A 27 20.04 -17.20 -16.92
N GLY A 28 21.14 -16.50 -16.68
CA GLY A 28 21.49 -15.25 -17.38
C GLY A 28 21.55 -15.47 -18.89
N ALA A 29 22.24 -16.53 -19.29
CA ALA A 29 22.44 -16.90 -20.72
C ALA A 29 21.09 -17.29 -21.32
N VAL A 30 20.27 -18.05 -20.58
CA VAL A 30 18.93 -18.51 -21.03
C VAL A 30 18.06 -17.26 -21.25
N ILE A 31 18.01 -16.34 -20.29
CA ILE A 31 17.13 -15.15 -20.39
C ILE A 31 17.60 -14.28 -21.56
N ASN A 32 18.91 -14.08 -21.74
CA ASN A 32 19.47 -13.31 -22.87
C ASN A 32 19.03 -13.95 -24.20
N ASP A 33 19.01 -15.29 -24.29
CA ASP A 33 18.59 -15.99 -25.52
C ASP A 33 17.09 -15.76 -25.75
N ILE A 34 16.28 -15.83 -24.68
CA ILE A 34 14.82 -15.52 -24.72
C ILE A 34 14.63 -14.09 -25.26
N ILE A 35 15.42 -13.13 -24.79
CA ILE A 35 15.29 -11.70 -25.19
C ILE A 35 15.66 -11.57 -26.68
N ALA A 36 16.65 -12.34 -27.15
CA ALA A 36 17.07 -12.40 -28.58
C ALA A 36 15.91 -12.91 -29.43
N ASP A 37 15.21 -13.96 -28.96
CA ASP A 37 14.00 -14.50 -29.63
C ASP A 37 12.90 -13.43 -29.69
N ILE A 38 12.66 -12.70 -28.60
CA ILE A 38 11.63 -11.63 -28.56
C ILE A 38 11.95 -10.62 -29.67
N LYS A 39 13.21 -10.20 -29.78
CA LYS A 39 13.65 -9.13 -30.72
C LYS A 39 13.53 -9.62 -32.16
N LYS A 40 13.77 -10.92 -32.38
CA LYS A 40 13.60 -11.59 -33.69
C LYS A 40 12.15 -11.43 -34.15
N ARG A 41 11.18 -11.79 -33.29
CA ARG A 41 9.73 -11.84 -33.62
C ARG A 41 9.13 -10.43 -33.55
N GLN A 42 9.57 -9.60 -32.61
CA GLN A 42 8.95 -8.27 -32.31
C GLN A 42 9.86 -7.18 -32.88
N SER A 43 9.66 -6.80 -34.14
CA SER A 43 10.70 -6.17 -35.00
C SER A 43 10.27 -4.81 -35.54
N THR A 44 9.09 -4.30 -35.16
CA THR A 44 8.62 -2.95 -35.53
C THR A 44 8.09 -2.24 -34.30
N PRO A 45 8.02 -0.89 -34.31
CA PRO A 45 7.45 -0.12 -33.20
C PRO A 45 5.94 -0.25 -32.99
N GLU A 46 5.26 -1.06 -33.80
CA GLU A 46 3.81 -1.36 -33.62
C GLU A 46 3.60 -2.84 -33.31
N THR A 47 4.68 -3.64 -33.22
CA THR A 47 4.63 -5.10 -32.98
C THR A 47 5.54 -5.49 -31.80
N ARG A 48 5.64 -4.64 -30.78
CA ARG A 48 6.59 -4.86 -29.65
C ARG A 48 5.86 -4.78 -28.30
N PRO A 49 4.88 -5.68 -28.07
CA PRO A 49 4.12 -5.72 -26.82
C PRO A 49 4.91 -6.31 -25.64
N GLY A 50 6.05 -6.95 -25.93
CA GLY A 50 6.94 -7.56 -24.93
C GLY A 50 6.53 -8.98 -24.65
N ALA A 51 6.83 -9.46 -23.43
CA ALA A 51 6.74 -10.90 -23.08
C ALA A 51 6.86 -11.09 -21.58
N VAL A 52 6.54 -12.29 -21.11
CA VAL A 52 6.76 -12.68 -19.69
C VAL A 52 7.74 -13.83 -19.67
N VAL A 53 8.76 -13.73 -18.81
CA VAL A 53 9.73 -14.82 -18.53
C VAL A 53 9.36 -15.38 -17.16
N ILE A 54 8.92 -16.63 -17.11
CA ILE A 54 8.43 -17.31 -15.87
C ILE A 54 9.62 -18.08 -15.27
N ILE A 55 9.91 -17.84 -14.00
CA ILE A 55 10.97 -18.55 -13.22
C ILE A 55 10.29 -19.42 -12.18
N PRO A 56 10.13 -20.74 -12.44
CA PRO A 56 9.59 -21.66 -11.44
C PRO A 56 10.45 -21.63 -10.19
N PRO A 57 9.93 -22.00 -9.00
CA PRO A 57 10.76 -22.12 -7.80
C PRO A 57 11.90 -23.09 -8.09
N GLY A 58 13.09 -22.81 -7.56
CA GLY A 58 14.32 -23.60 -7.79
C GLY A 58 15.56 -22.77 -7.57
N ASP A 59 16.72 -23.42 -7.60
CA ASP A 59 18.05 -22.78 -7.45
C ASP A 59 18.64 -22.59 -8.85
N TYR A 60 18.89 -21.35 -9.24
CA TYR A 60 19.41 -20.99 -10.57
C TYR A 60 20.69 -20.18 -10.39
N ASP A 61 21.80 -20.61 -11.02
CA ASP A 61 23.05 -19.79 -11.08
C ASP A 61 22.95 -18.81 -12.26
N LEU A 62 23.31 -17.56 -12.02
CA LEU A 62 23.50 -16.52 -13.07
C LEU A 62 24.99 -16.14 -13.12
N HIS A 63 25.66 -16.56 -14.19
CA HIS A 63 27.07 -16.20 -14.50
C HIS A 63 27.09 -15.03 -15.49
N THR A 64 26.09 -14.95 -16.37
CA THR A 64 26.04 -13.99 -17.50
C THR A 64 25.02 -12.90 -17.19
N GLN A 65 25.47 -11.64 -17.28
CA GLN A 65 24.62 -10.45 -17.10
C GLN A 65 23.46 -10.50 -18.10
N VAL A 66 22.25 -10.25 -17.63
CA VAL A 66 21.05 -10.08 -18.51
C VAL A 66 20.97 -8.60 -18.88
N VAL A 67 20.89 -8.32 -20.17
CA VAL A 67 20.60 -6.96 -20.69
C VAL A 67 19.11 -6.93 -21.05
N VAL A 68 18.33 -6.13 -20.32
CA VAL A 68 16.89 -5.89 -20.62
C VAL A 68 16.81 -4.60 -21.43
N ASP A 69 16.53 -4.72 -22.72
CA ASP A 69 16.44 -3.54 -23.62
C ASP A 69 15.13 -3.60 -24.41
N VAL A 70 14.10 -4.29 -23.91
CA VAL A 70 12.73 -4.26 -24.53
C VAL A 70 11.71 -3.75 -23.52
N ASP A 71 10.73 -3.00 -24.04
CA ASP A 71 9.58 -2.48 -23.27
C ASP A 71 8.70 -3.65 -22.87
N TYR A 72 8.01 -3.50 -21.74
CA TYR A 72 6.93 -4.43 -21.31
C TYR A 72 7.50 -5.85 -21.18
N LEU A 73 8.77 -5.98 -20.80
CA LEU A 73 9.32 -7.29 -20.37
C LEU A 73 8.92 -7.51 -18.90
N THR A 74 8.19 -8.60 -18.61
CA THR A 74 7.86 -9.03 -17.23
C THR A 74 8.76 -10.22 -16.90
N ILE A 75 9.57 -10.11 -15.85
CA ILE A 75 10.30 -11.27 -15.28
C ILE A 75 9.64 -11.60 -13.95
N ALA A 76 9.02 -12.78 -13.87
CA ALA A 76 8.12 -13.17 -12.76
C ALA A 76 8.49 -14.56 -12.27
N GLY A 77 8.65 -14.71 -10.96
CA GLY A 77 8.77 -16.01 -10.27
C GLY A 77 7.54 -16.25 -9.41
N PHE A 78 7.63 -17.13 -8.42
CA PHE A 78 6.48 -17.51 -7.57
C PHE A 78 6.78 -17.27 -6.08
N GLY A 79 7.92 -16.65 -5.75
CA GLY A 79 8.32 -16.44 -4.35
C GLY A 79 9.59 -15.62 -4.20
N HIS A 80 9.61 -14.76 -3.18
CA HIS A 80 10.72 -13.82 -2.85
C HIS A 80 11.86 -14.58 -2.13
N GLY A 81 11.55 -15.71 -1.51
CA GLY A 81 12.53 -16.70 -1.01
C GLY A 81 13.52 -16.13 0.00
N PHE A 82 13.19 -15.06 0.72
CA PHE A 82 14.15 -14.40 1.61
C PHE A 82 14.56 -15.34 2.74
N PHE A 83 15.85 -15.29 3.08
CA PHE A 83 16.51 -16.04 4.18
C PHE A 83 17.63 -15.17 4.71
N SER A 84 17.75 -15.06 6.03
CA SER A 84 18.85 -14.29 6.68
C SER A 84 20.16 -15.05 6.51
N ARG A 85 20.93 -14.70 5.48
CA ARG A 85 22.34 -15.17 5.34
C ARG A 85 23.17 -14.57 6.48
N SER A 86 22.83 -13.37 6.96
CA SER A 86 23.57 -12.68 8.04
C SER A 86 23.55 -13.52 9.32
N ILE A 87 22.38 -14.03 9.73
CA ILE A 87 22.26 -14.85 10.97
C ILE A 87 23.02 -16.16 10.74
N LYS A 88 22.74 -16.84 9.63
CA LYS A 88 23.42 -18.11 9.21
C LYS A 88 24.93 -17.94 9.31
N ASP A 89 25.49 -16.85 8.76
CA ASP A 89 26.95 -16.61 8.67
C ASP A 89 27.57 -16.38 10.05
N ASN A 90 26.78 -16.11 11.09
CA ASN A 90 27.31 -15.63 12.40
C ASN A 90 26.85 -16.50 13.58
N VAL A 91 26.15 -17.61 13.35
CA VAL A 91 25.78 -18.56 14.45
C VAL A 91 26.13 -19.98 14.03
N ASP A 92 26.13 -20.89 14.99
CA ASP A 92 26.26 -22.36 14.80
C ASP A 92 25.00 -22.87 14.08
N THR A 93 25.15 -23.33 12.84
CA THR A 93 24.02 -23.82 11.99
C THR A 93 23.89 -25.34 12.08
N THR A 94 24.60 -25.99 13.01
CA THR A 94 24.52 -27.46 13.24
C THR A 94 23.04 -27.84 13.34
N GLY A 95 22.58 -28.74 12.47
CA GLY A 95 21.21 -29.28 12.49
C GLY A 95 20.23 -28.42 11.72
N TRP A 96 20.67 -27.32 11.10
CA TRP A 96 19.78 -26.41 10.34
C TRP A 96 19.23 -27.15 9.11
N LEU A 97 17.92 -27.06 8.91
CA LEU A 97 17.18 -27.72 7.80
C LEU A 97 17.32 -26.89 6.51
N ASN A 98 17.78 -25.64 6.59
CA ASN A 98 18.03 -24.79 5.40
C ASN A 98 19.18 -23.84 5.67
N LEU A 99 19.97 -23.55 4.63
CA LEU A 99 21.24 -22.78 4.74
C LEU A 99 21.31 -21.71 3.65
N GLN A 100 20.29 -21.56 2.79
CA GLN A 100 20.31 -20.51 1.74
C GLN A 100 18.90 -20.07 1.38
N PRO A 101 18.77 -18.86 0.78
CA PRO A 101 17.49 -18.39 0.27
C PRO A 101 16.94 -19.35 -0.80
N GLY A 102 15.66 -19.17 -1.15
CA GLY A 102 14.95 -20.06 -2.08
C GLY A 102 13.89 -19.31 -2.87
N GLY A 103 12.70 -19.90 -3.01
CA GLY A 103 11.66 -19.41 -3.93
C GLY A 103 12.16 -19.51 -5.37
N SER A 104 11.86 -18.53 -6.20
CA SER A 104 12.44 -18.41 -7.56
C SER A 104 13.84 -17.80 -7.42
N HIS A 105 14.85 -18.64 -7.15
CA HIS A 105 16.13 -18.27 -6.50
C HIS A 105 17.23 -18.09 -7.54
N ILE A 106 17.57 -16.83 -7.84
CA ILE A 106 18.71 -16.50 -8.74
C ILE A 106 19.92 -16.18 -7.86
N ARG A 107 20.89 -17.09 -7.89
CA ARG A 107 22.23 -16.90 -7.27
CA ARG A 107 22.23 -16.92 -7.28
C ARG A 107 23.07 -16.06 -8.23
N VAL A 108 23.35 -14.82 -7.84
CA VAL A 108 24.04 -13.81 -8.70
C VAL A 108 25.55 -14.06 -8.63
N LEU A 109 26.14 -14.58 -9.70
CA LEU A 109 27.59 -14.92 -9.77
C LEU A 109 28.20 -14.12 -10.92
N THR A 110 27.86 -12.84 -11.02
CA THR A 110 28.29 -11.96 -12.13
C THR A 110 29.79 -11.68 -11.99
N PRO A 111 30.54 -11.59 -13.10
CA PRO A 111 31.95 -11.16 -13.04
C PRO A 111 32.04 -9.66 -12.80
N PRO A 112 33.22 -9.14 -12.42
CA PRO A 112 33.39 -7.71 -12.17
C PRO A 112 33.25 -6.84 -13.44
N THR A 113 33.47 -7.42 -14.61
CA THR A 113 33.38 -6.72 -15.92
C THR A 113 31.91 -6.43 -16.25
N SER A 114 30.97 -7.18 -15.67
CA SER A 114 29.50 -7.02 -15.89
C SER A 114 28.76 -7.43 -14.62
N PRO A 115 28.92 -6.66 -13.52
CA PRO A 115 28.55 -7.11 -12.18
C PRO A 115 27.05 -7.10 -11.85
N GLN A 116 26.24 -6.34 -12.60
CA GLN A 116 24.77 -6.25 -12.38
C GLN A 116 24.10 -7.48 -13.00
N ALA A 117 23.31 -8.25 -12.23
CA ALA A 117 22.61 -9.48 -12.71
C ALA A 117 21.71 -9.09 -13.89
N PHE A 118 20.92 -8.03 -13.70
CA PHE A 118 19.99 -7.48 -14.72
C PHE A 118 20.36 -6.01 -14.92
N LEU A 119 20.90 -5.71 -16.10
CA LEU A 119 21.15 -4.34 -16.59
C LEU A 119 19.98 -3.97 -17.50
N VAL A 120 19.18 -3.01 -17.07
CA VAL A 120 17.99 -2.51 -17.83
C VAL A 120 18.45 -1.22 -18.50
N ARG A 121 18.76 -1.30 -19.79
CA ARG A 121 19.44 -0.21 -20.53
C ARG A 121 19.05 -0.26 -22.01
N ARG A 122 18.61 0.87 -22.54
CA ARG A 122 18.46 1.07 -24.00
C ARG A 122 19.11 2.40 -24.35
N ASP A 123 20.18 2.33 -25.14
CA ASP A 123 20.66 3.47 -25.95
C ASP A 123 19.75 3.42 -27.18
N GLY A 124 19.30 4.56 -27.67
CA GLY A 124 18.16 4.61 -28.59
C GLY A 124 16.95 5.17 -27.86
N SER A 125 15.80 5.18 -28.53
CA SER A 125 14.61 5.95 -28.11
C SER A 125 13.35 5.13 -28.37
N PRO A 126 12.23 5.39 -27.65
CA PRO A 126 12.21 6.31 -26.50
C PRO A 126 12.69 5.67 -25.19
N ARG A 127 12.32 6.26 -24.05
CA ARG A 127 12.53 5.69 -22.69
C ARG A 127 11.94 4.28 -22.63
N LEU A 128 12.62 3.34 -21.96
CA LEU A 128 12.06 1.99 -21.67
C LEU A 128 10.80 2.17 -20.82
N SER A 129 9.71 1.51 -21.21
CA SER A 129 8.38 1.67 -20.58
C SER A 129 7.89 0.32 -20.07
N GLY A 130 7.24 0.32 -18.90
CA GLY A 130 6.33 -0.76 -18.48
C GLY A 130 7.01 -2.07 -18.16
N ILE A 131 8.30 -2.06 -17.83
CA ILE A 131 9.05 -3.27 -17.41
C ILE A 131 8.62 -3.65 -15.99
N VAL A 132 8.40 -4.95 -15.76
CA VAL A 132 7.93 -5.50 -14.46
C VAL A 132 8.96 -6.54 -13.98
N PHE A 133 9.50 -6.36 -12.78
CA PHE A 133 10.20 -7.43 -12.03
C PHE A 133 9.32 -7.81 -10.83
N LYS A 134 8.97 -9.09 -10.70
CA LYS A 134 8.12 -9.51 -9.56
C LYS A 134 8.36 -10.96 -9.14
N ASP A 135 8.24 -11.20 -7.83
CA ASP A 135 8.01 -12.53 -7.22
C ASP A 135 9.21 -13.46 -7.47
N PHE A 136 10.43 -12.92 -7.49
CA PHE A 136 11.65 -13.77 -7.48
C PHE A 136 12.69 -13.18 -6.54
N CYS A 137 13.72 -13.99 -6.28
CA CYS A 137 14.83 -13.76 -5.32
C CYS A 137 16.13 -13.51 -6.09
N LEU A 138 16.78 -12.38 -5.80
CA LEU A 138 18.18 -12.07 -6.22
C LEU A 138 19.09 -12.16 -5.00
N ASP A 139 20.01 -13.11 -5.04
CA ASP A 139 20.88 -13.53 -3.91
C ASP A 139 22.34 -13.42 -4.35
N GLY A 140 23.12 -12.53 -3.73
CA GLY A 140 24.55 -12.34 -4.05
C GLY A 140 25.43 -13.40 -3.44
N VAL A 141 24.86 -14.33 -2.66
CA VAL A 141 25.48 -15.59 -2.16
C VAL A 141 26.42 -15.30 -0.98
N SER A 142 27.43 -14.45 -1.13
CA SER A 142 28.32 -14.08 0.00
C SER A 142 28.86 -12.66 -0.17
N PHE A 143 29.26 -12.08 0.96
CA PHE A 143 30.00 -10.80 1.03
C PHE A 143 31.48 -11.15 1.08
N VAL A 144 32.32 -10.18 0.71
CA VAL A 144 33.78 -10.34 0.47
C VAL A 144 34.50 -9.44 1.49
N PRO A 145 35.46 -9.94 2.29
CA PRO A 145 35.89 -11.35 2.25
C PRO A 145 35.09 -12.29 3.15
N ASP A 146 34.19 -11.74 3.96
CA ASP A 146 33.31 -12.50 4.90
C ASP A 146 31.90 -11.90 4.84
N GLY A 147 30.96 -12.54 5.52
CA GLY A 147 29.52 -12.23 5.49
C GLY A 147 29.21 -10.84 6.01
N ASN A 148 30.10 -10.22 6.78
CA ASN A 148 29.79 -8.99 7.55
C ASN A 148 30.34 -7.75 6.84
N SER A 149 30.92 -7.86 5.65
CA SER A 149 31.51 -6.69 4.94
C SER A 149 30.40 -5.86 4.29
N TYR A 150 29.33 -6.49 3.80
CA TYR A 150 28.30 -5.83 2.93
C TYR A 150 28.94 -5.32 1.64
N LYS A 151 30.03 -5.96 1.20
CA LYS A 151 30.74 -5.64 -0.06
C LYS A 151 30.82 -6.92 -0.89
N ASN A 152 30.51 -6.84 -2.19
CA ASN A 152 30.81 -7.94 -3.16
C ASN A 152 30.77 -7.44 -4.60
N GLY A 153 30.56 -6.15 -4.83
CA GLY A 153 30.55 -5.53 -6.18
C GLY A 153 29.44 -6.04 -7.07
N LYS A 154 28.40 -6.67 -6.51
CA LYS A 154 27.25 -7.21 -7.29
C LYS A 154 26.04 -6.29 -7.11
N THR A 155 25.25 -6.13 -8.18
CA THR A 155 23.94 -5.43 -8.21
C THR A 155 22.87 -6.40 -8.71
N GLY A 156 21.68 -6.37 -8.10
CA GLY A 156 20.54 -7.20 -8.52
C GLY A 156 19.94 -6.66 -9.82
N ILE A 157 19.32 -5.49 -9.74
CA ILE A 157 18.70 -4.81 -10.91
C ILE A 157 19.29 -3.41 -10.99
N ASP A 158 19.83 -3.06 -12.15
CA ASP A 158 20.37 -1.70 -12.45
C ASP A 158 19.66 -1.15 -13.68
N VAL A 159 18.76 -0.19 -13.47
CA VAL A 159 18.12 0.53 -14.60
C VAL A 159 18.97 1.77 -14.86
N ALA A 160 19.73 1.73 -15.97
CA ALA A 160 20.81 2.69 -16.30
C ALA A 160 20.37 3.70 -17.37
N SER A 161 19.21 3.53 -18.00
CA SER A 161 18.66 4.52 -18.97
C SER A 161 17.30 5.01 -18.47
N ASP A 162 16.89 6.19 -18.93
CA ASP A 162 15.63 6.86 -18.51
C ASP A 162 14.46 5.91 -18.76
N ASN A 163 13.48 5.91 -17.87
CA ASN A 163 12.42 4.87 -17.86
C ASN A 163 11.11 5.46 -17.37
N ASP A 164 10.01 4.80 -17.74
CA ASP A 164 8.62 5.23 -17.42
C ASP A 164 7.82 3.98 -17.00
N SER A 165 7.11 4.08 -15.88
CA SER A 165 6.06 3.09 -15.47
C SER A 165 6.71 1.71 -15.26
N ILE A 166 7.92 1.66 -14.71
CA ILE A 166 8.53 0.38 -14.26
C ILE A 166 7.85 -0.03 -12.95
N HIS A 167 7.66 -1.34 -12.76
CA HIS A 167 6.95 -1.89 -11.59
C HIS A 167 7.79 -3.02 -10.98
N ILE A 168 8.27 -2.81 -9.75
CA ILE A 168 9.09 -3.77 -8.95
C ILE A 168 8.25 -4.17 -7.73
N THR A 169 7.76 -5.40 -7.68
CA THR A 169 6.84 -5.82 -6.61
C THR A 169 7.07 -7.29 -6.24
N GLY A 170 6.84 -7.62 -4.97
CA GLY A 170 6.91 -8.99 -4.44
C GLY A 170 8.28 -9.61 -4.57
N MET A 171 9.35 -8.79 -4.68
CA MET A 171 10.74 -9.29 -4.91
C MET A 171 11.38 -9.62 -3.56
N GLY A 172 12.44 -10.42 -3.60
CA GLY A 172 13.37 -10.62 -2.49
C GLY A 172 14.79 -10.31 -2.94
N PHE A 173 15.51 -9.47 -2.19
CA PHE A 173 16.94 -9.15 -2.44
C PHE A 173 17.74 -9.40 -1.17
N VAL A 174 18.83 -10.17 -1.28
CA VAL A 174 19.67 -10.58 -0.12
C VAL A 174 21.13 -10.66 -0.58
N TYR A 175 22.03 -10.06 0.21
CA TYR A 175 23.50 -10.25 0.12
C TYR A 175 24.02 -9.68 -1.21
N LEU A 176 23.42 -8.57 -1.65
CA LEU A 176 23.91 -7.79 -2.79
C LEU A 176 24.48 -6.48 -2.24
N GLU A 177 25.61 -6.02 -2.79
CA GLU A 177 26.17 -4.70 -2.43
C GLU A 177 25.19 -3.61 -2.84
N HIS A 178 24.51 -3.79 -3.99
CA HIS A 178 23.40 -2.93 -4.50
C HIS A 178 22.23 -3.82 -4.92
N ALA A 179 21.09 -3.75 -4.23
CA ALA A 179 19.91 -4.57 -4.56
C ALA A 179 19.29 -4.03 -5.85
N LEU A 180 18.81 -2.79 -5.79
CA LEU A 180 18.02 -2.15 -6.87
C LEU A 180 18.54 -0.73 -7.09
N ILE A 181 18.87 -0.42 -8.35
CA ILE A 181 19.25 0.94 -8.82
C ILE A 181 18.31 1.31 -9.97
N VAL A 182 17.67 2.46 -9.88
CA VAL A 182 16.84 3.01 -11.00
C VAL A 182 17.23 4.47 -11.24
N ARG A 183 17.85 4.73 -12.39
CA ARG A 183 18.29 6.07 -12.82
C ARG A 183 17.23 6.67 -13.76
N GLY A 184 16.94 7.96 -13.59
CA GLY A 184 15.95 8.71 -14.41
C GLY A 184 14.59 8.06 -14.33
N ALA A 185 14.14 7.72 -13.12
CA ALA A 185 12.87 7.00 -12.87
C ALA A 185 11.70 7.98 -13.00
N ASP A 186 10.78 7.68 -13.91
CA ASP A 186 9.50 8.41 -14.06
C ASP A 186 8.36 7.42 -13.81
N ALA A 187 7.44 7.77 -12.91
CA ALA A 187 6.22 6.97 -12.64
C ALA A 187 6.64 5.54 -12.28
N LEU A 188 7.73 5.41 -11.52
CA LEU A 188 8.25 4.13 -10.97
C LEU A 188 7.46 3.79 -9.70
N ARG A 189 7.15 2.51 -9.51
CA ARG A 189 6.55 1.97 -8.26
C ARG A 189 7.47 0.85 -7.75
N VAL A 190 8.10 1.10 -6.61
CA VAL A 190 8.86 0.07 -5.84
C VAL A 190 7.96 -0.30 -4.64
N HIS A 191 7.20 -1.39 -4.76
CA HIS A 191 6.01 -1.71 -3.94
C HIS A 191 6.06 -3.14 -3.40
N ASP A 192 5.93 -3.31 -2.07
CA ASP A 192 5.71 -4.62 -1.41
C ASP A 192 6.86 -5.58 -1.77
N ASN A 193 8.10 -5.17 -1.48
CA ASN A 193 9.33 -5.97 -1.67
C ASN A 193 10.02 -6.20 -0.32
N MET A 194 10.80 -7.29 -0.25
CA MET A 194 11.75 -7.58 0.85
C MET A 194 13.17 -7.28 0.34
N VAL A 195 13.79 -6.18 0.80
CA VAL A 195 15.13 -5.72 0.35
C VAL A 195 16.02 -5.61 1.60
N ALA A 196 16.74 -6.68 1.94
CA ALA A 196 17.36 -6.83 3.27
C ALA A 196 18.72 -7.54 3.18
N GLU A 197 19.61 -7.19 4.12
CA GLU A 197 21.00 -7.70 4.19
C GLU A 197 21.68 -7.46 2.85
N CYS A 198 21.48 -6.26 2.31
CA CYS A 198 22.19 -5.71 1.12
C CYS A 198 23.00 -4.50 1.58
N GLY A 199 24.14 -4.23 0.97
CA GLY A 199 24.96 -3.03 1.29
C GLY A 199 24.13 -1.77 1.09
N ASN A 200 23.43 -1.70 -0.05
CA ASN A 200 22.49 -0.64 -0.46
C ASN A 200 21.21 -1.31 -0.95
N CYS A 201 20.04 -0.76 -0.63
CA CYS A 201 18.74 -1.40 -0.92
C CYS A 201 18.13 -0.81 -2.18
N VAL A 202 17.69 0.45 -2.15
CA VAL A 202 17.04 1.10 -3.33
C VAL A 202 17.70 2.48 -3.58
N GLU A 203 18.34 2.59 -4.74
CA GLU A 203 19.02 3.81 -5.21
C GLU A 203 18.26 4.39 -6.40
N LEU A 204 17.57 5.51 -6.20
CA LEU A 204 16.80 6.24 -7.25
C LEU A 204 17.66 7.43 -7.69
N THR A 205 18.47 7.24 -8.74
CA THR A 205 19.65 8.09 -9.05
C THR A 205 19.36 9.04 -10.21
N GLY A 206 20.22 10.05 -10.34
CA GLY A 206 20.19 11.03 -11.44
C GLY A 206 19.10 12.05 -11.22
N ALA A 207 17.86 11.65 -11.47
CA ALA A 207 16.64 12.46 -11.24
C ALA A 207 15.42 11.54 -11.36
N GLY A 208 14.25 12.07 -11.07
CA GLY A 208 13.01 11.28 -11.24
C GLY A 208 11.78 12.11 -10.98
N GLN A 209 10.63 11.61 -11.45
CA GLN A 209 9.29 12.25 -11.30
C GLN A 209 8.29 11.18 -10.86
N ALA A 210 7.26 11.61 -10.12
CA ALA A 210 5.97 10.89 -9.90
C ALA A 210 6.21 9.44 -9.48
N THR A 211 7.15 9.20 -8.57
CA THR A 211 7.51 7.84 -8.11
C THR A 211 6.82 7.52 -6.77
N ILE A 212 6.48 6.25 -6.55
CA ILE A 212 6.00 5.73 -5.24
C ILE A 212 6.92 4.60 -4.76
N VAL A 213 7.38 4.71 -3.52
CA VAL A 213 8.07 3.61 -2.79
C VAL A 213 7.18 3.28 -1.58
N SER A 214 6.50 2.13 -1.60
CA SER A 214 5.46 1.80 -0.58
C SER A 214 5.53 0.34 -0.16
N ASP A 215 5.23 0.11 1.12
CA ASP A 215 4.89 -1.22 1.68
C ASP A 215 6.11 -2.13 1.62
N ASN A 216 7.33 -1.58 1.61
CA ASN A 216 8.58 -2.37 1.52
C ASN A 216 9.11 -2.65 2.92
N LEU A 217 9.74 -3.82 3.10
CA LEU A 217 10.65 -4.12 4.22
C LEU A 217 12.09 -3.94 3.72
N MET A 218 12.86 -3.04 4.33
CA MET A 218 14.23 -2.73 3.89
C MET A 218 15.18 -2.65 5.08
N GLY A 219 16.38 -3.23 4.92
CA GLY A 219 17.51 -3.11 5.86
C GLY A 219 18.81 -3.27 5.10
N ALA A 220 19.74 -2.32 5.27
CA ALA A 220 20.97 -2.22 4.44
C ALA A 220 22.21 -2.42 5.33
N GLY A 221 23.37 -1.96 4.87
CA GLY A 221 24.67 -2.08 5.55
C GLY A 221 25.24 -0.73 5.95
N PRO A 222 26.18 -0.68 6.93
CA PRO A 222 26.59 0.58 7.56
C PRO A 222 27.34 1.58 6.67
N GLU A 223 27.82 1.15 5.50
CA GLU A 223 28.48 2.06 4.51
C GLU A 223 27.50 2.41 3.38
N GLY A 224 26.24 1.94 3.44
CA GLY A 224 25.31 2.01 2.30
C GLY A 224 23.99 2.67 2.64
N VAL A 225 23.17 2.95 1.63
CA VAL A 225 21.84 3.59 1.81
C VAL A 225 20.77 2.49 1.88
N THR A 226 19.65 2.78 2.54
CA THR A 226 18.44 1.93 2.50
C THR A 226 17.62 2.43 1.30
N LEU A 227 16.98 3.60 1.43
CA LEU A 227 16.43 4.34 0.28
C LEU A 227 17.24 5.62 0.05
N LEU A 228 17.77 5.77 -1.15
CA LEU A 228 18.39 7.02 -1.64
C LEU A 228 17.54 7.54 -2.79
N ALA A 229 17.26 8.84 -2.82
CA ALA A 229 16.73 9.54 -4.00
C ALA A 229 17.62 10.74 -4.34
N GLU A 230 17.97 10.91 -5.62
CA GLU A 230 18.76 12.07 -6.14
C GLU A 230 17.90 12.90 -7.08
N ASN A 231 17.66 14.17 -6.74
CA ASN A 231 16.98 15.15 -7.62
C ASN A 231 15.62 14.60 -8.02
N HIS A 232 14.91 13.96 -7.09
CA HIS A 232 13.51 13.51 -7.30
C HIS A 232 12.55 14.65 -7.01
N GLU A 233 11.52 14.74 -7.85
CA GLU A 233 10.38 15.66 -7.69
C GLU A 233 9.12 14.79 -7.54
N GLY A 234 8.34 15.02 -6.50
CA GLY A 234 7.03 14.34 -6.32
C GLY A 234 7.18 12.87 -5.98
N LEU A 235 8.30 12.49 -5.35
CA LEU A 235 8.52 11.13 -4.82
C LEU A 235 7.65 10.98 -3.57
N LEU A 236 6.86 9.91 -3.51
CA LEU A 236 6.02 9.54 -2.34
C LEU A 236 6.60 8.29 -1.69
N VAL A 237 6.98 8.38 -0.42
CA VAL A 237 7.57 7.28 0.37
C VAL A 237 6.63 7.03 1.54
N THR A 238 5.90 5.92 1.50
CA THR A 238 4.78 5.67 2.43
C THR A 238 4.63 4.17 2.73
N GLY A 239 4.33 3.86 3.98
CA GLY A 239 3.96 2.50 4.44
C GLY A 239 5.16 1.57 4.46
N ASN A 240 6.38 2.13 4.49
CA ASN A 240 7.62 1.31 4.47
C ASN A 240 8.04 1.05 5.92
N ASN A 241 8.63 -0.11 6.13
CA ASN A 241 9.24 -0.53 7.42
C ASN A 241 10.75 -0.63 7.18
N PHE A 242 11.47 0.43 7.53
CA PHE A 242 12.95 0.52 7.40
C PHE A 242 13.58 0.15 8.73
N PHE A 243 14.51 -0.80 8.71
CA PHE A 243 15.22 -1.32 9.90
C PHE A 243 16.72 -1.27 9.62
N PRO A 244 17.60 -1.50 10.63
CA PRO A 244 19.04 -1.35 10.45
C PRO A 244 19.62 -2.28 9.38
N ARG A 245 20.85 -2.03 8.92
CA ARG A 245 21.80 -1.13 9.54
C ARG A 245 22.49 -0.29 8.45
N GLY A 246 21.69 0.32 7.56
CA GLY A 246 22.17 1.33 6.60
C GLY A 246 22.89 2.46 7.32
N ARG A 247 23.83 3.12 6.65
CA ARG A 247 24.38 4.40 7.14
C ARG A 247 23.20 5.35 7.38
N SER A 248 22.20 5.25 6.50
CA SER A 248 20.93 5.99 6.58
C SER A 248 19.79 5.03 6.19
N LEU A 249 18.57 5.41 6.54
CA LEU A 249 17.31 4.71 6.19
C LEU A 249 16.63 5.46 5.05
N LEU A 250 16.61 6.80 5.12
CA LEU A 250 16.14 7.63 4.00
C LEU A 250 17.15 8.77 3.78
N GLU A 251 17.65 8.86 2.56
CA GLU A 251 18.69 9.82 2.15
C GLU A 251 18.23 10.47 0.84
N PHE A 252 17.87 11.74 0.92
CA PHE A 252 17.52 12.60 -0.24
C PHE A 252 18.68 13.59 -0.48
N THR A 253 19.06 13.75 -1.74
CA THR A 253 19.97 14.84 -2.19
C THR A 253 19.28 15.59 -3.33
N GLY A 254 19.04 16.89 -3.12
CA GLY A 254 18.40 17.79 -4.09
C GLY A 254 16.99 17.35 -4.44
N CYS A 255 16.26 16.73 -3.50
CA CYS A 255 14.86 16.30 -3.72
C CYS A 255 13.90 17.39 -3.25
N ASN A 256 12.95 17.75 -4.11
CA ASN A 256 11.99 18.86 -3.82
C ASN A 256 10.56 18.34 -3.95
N ARG A 257 9.67 18.87 -3.11
CA ARG A 257 8.21 18.66 -3.19
C ARG A 257 7.95 17.15 -3.21
N CYS A 258 8.67 16.45 -2.34
CA CYS A 258 8.50 15.00 -2.05
C CYS A 258 7.78 14.86 -0.71
N SER A 259 7.28 13.66 -0.43
CA SER A 259 6.52 13.37 0.81
C SER A 259 7.05 12.06 1.39
N VAL A 260 7.48 12.10 2.65
CA VAL A 260 7.87 10.90 3.44
C VAL A 260 6.92 10.81 4.64
N THR A 261 5.92 9.94 4.52
CA THR A 261 4.72 9.91 5.37
C THR A 261 4.34 8.46 5.68
N SER A 262 3.99 8.19 6.95
CA SER A 262 3.41 6.91 7.42
C SER A 262 4.40 5.78 7.19
N ASN A 263 5.67 5.99 7.54
CA ASN A 263 6.70 4.91 7.55
C ASN A 263 7.11 4.60 8.99
N ARG A 264 7.81 3.49 9.16
CA ARG A 264 8.46 3.10 10.41
C ARG A 264 9.97 3.05 10.17
N PHE A 265 10.75 3.74 10.98
CA PHE A 265 12.23 3.85 10.87
C PHE A 265 12.87 3.34 12.17
N GLN A 266 13.73 2.33 12.08
CA GLN A 266 14.60 1.85 13.20
C GLN A 266 16.05 1.87 12.70
N GLY A 267 16.91 2.64 13.38
CA GLY A 267 18.35 2.70 13.09
C GLY A 267 19.19 2.59 14.36
N PHE A 268 20.46 2.23 14.20
CA PHE A 268 21.45 2.04 15.29
C PHE A 268 22.52 3.14 15.23
N TYR A 269 22.42 4.09 14.29
CA TYR A 269 23.41 5.19 14.11
C TYR A 269 22.71 6.53 13.94
N PRO A 270 23.40 7.66 14.20
CA PRO A 270 22.90 8.98 13.81
C PRO A 270 22.69 9.07 12.29
N GLY A 271 21.88 10.03 11.85
CA GLY A 271 21.66 10.30 10.42
C GLY A 271 20.80 9.23 9.76
N MET A 272 19.79 8.74 10.47
CA MET A 272 18.78 7.79 9.95
C MET A 272 18.07 8.44 8.75
N MET A 273 17.73 9.73 8.82
CA MET A 273 17.11 10.49 7.71
C MET A 273 17.99 11.70 7.38
N ARG A 274 18.33 11.85 6.10
CA ARG A 274 19.23 12.91 5.59
C ARG A 274 18.54 13.56 4.39
N LEU A 275 18.17 14.83 4.53
CA LEU A 275 17.70 15.68 3.42
C LEU A 275 18.85 16.63 3.07
N LEU A 276 19.69 16.21 2.12
CA LEU A 276 21.00 16.85 1.81
C LEU A 276 20.89 17.81 0.63
N ASN A 277 21.79 18.80 0.58
CA ASN A 277 22.07 19.61 -0.64
C ASN A 277 20.80 20.28 -1.15
N GLY A 278 20.09 21.01 -0.29
CA GLY A 278 19.00 21.90 -0.71
C GLY A 278 17.71 21.18 -1.06
N CYS A 279 17.36 20.11 -0.34
CA CYS A 279 16.00 19.51 -0.36
C CYS A 279 14.98 20.57 0.10
N LYS A 280 14.04 20.98 -0.76
CA LYS A 280 13.07 22.02 -0.33
C LYS A 280 11.61 21.56 -0.51
N GLU A 281 10.76 22.07 0.37
CA GLU A 281 9.28 21.99 0.27
C GLU A 281 8.85 20.52 0.34
N ASN A 282 9.52 19.74 1.19
CA ASN A 282 9.23 18.30 1.41
C ASN A 282 8.37 18.15 2.67
N LEU A 283 7.45 17.20 2.65
CA LEU A 283 6.61 16.83 3.83
C LEU A 283 7.22 15.60 4.50
N ILE A 284 7.66 15.75 5.75
CA ILE A 284 8.22 14.64 6.60
C ILE A 284 7.29 14.50 7.80
N THR A 285 6.32 13.57 7.75
CA THR A 285 5.19 13.59 8.69
C THR A 285 4.64 12.19 8.94
N SER A 286 4.00 12.00 10.11
CA SER A 286 3.31 10.75 10.50
C SER A 286 4.27 9.56 10.39
N ASN A 287 5.55 9.76 10.71
CA ASN A 287 6.57 8.69 10.75
C ASN A 287 6.91 8.37 12.19
N HIS A 288 7.28 7.11 12.44
CA HIS A 288 7.84 6.63 13.72
C HIS A 288 9.34 6.41 13.54
N PHE A 289 10.16 7.12 14.32
CA PHE A 289 11.63 7.01 14.30
C PHE A 289 12.09 6.38 15.61
N ARG A 290 12.87 5.31 15.53
CA ARG A 290 13.48 4.67 16.71
C ARG A 290 15.00 4.64 16.51
N ARG A 291 15.72 5.43 17.31
CA ARG A 291 17.21 5.38 17.38
C ARG A 291 17.57 4.49 18.57
N GLY A 292 18.22 3.35 18.29
CA GLY A 292 18.71 2.40 19.30
C GLY A 292 20.20 2.14 19.11
N THR A 293 20.71 1.05 19.69
CA THR A 293 22.12 0.58 19.49
C THR A 293 22.09 -0.86 19.05
N GLU A 294 23.12 -1.27 18.32
CA GLU A 294 23.31 -2.64 17.80
C GLU A 294 23.24 -3.65 18.95
N GLY A 295 22.43 -4.70 18.78
CA GLY A 295 22.33 -5.86 19.68
C GLY A 295 22.96 -7.11 19.08
N PHE A 296 23.22 -7.14 17.76
CA PHE A 296 23.74 -8.35 17.08
C PHE A 296 25.26 -8.36 17.22
N PRO A 297 25.83 -9.28 18.04
CA PRO A 297 27.23 -9.22 18.45
C PRO A 297 28.25 -8.95 17.33
N PRO A 298 28.18 -9.61 16.16
CA PRO A 298 29.16 -9.35 15.10
C PRO A 298 29.27 -7.88 14.65
N PHE A 299 28.27 -7.04 14.93
CA PHE A 299 28.21 -5.63 14.47
C PHE A 299 28.29 -4.63 15.63
N ILE A 300 28.49 -5.08 16.87
CA ILE A 300 28.41 -4.20 18.09
C ILE A 300 29.30 -2.96 17.88
N ASP A 301 30.48 -3.12 17.30
CA ASP A 301 31.48 -2.03 17.18
C ASP A 301 31.42 -1.36 15.80
N ARG A 302 30.54 -1.81 14.88
CA ARG A 302 30.39 -1.18 13.55
C ARG A 302 29.66 0.16 13.70
N THR A 303 30.11 1.18 12.98
CA THR A 303 29.55 2.56 13.04
C THR A 303 29.43 3.11 11.62
N ASN A 304 28.63 4.15 11.42
CA ASN A 304 28.54 4.89 10.12
C ASN A 304 29.43 6.14 10.20
N GLY A 305 30.16 6.31 11.32
CA GLY A 305 31.19 7.33 11.53
C GLY A 305 30.62 8.70 11.90
N LEU A 306 29.32 8.79 12.18
CA LEU A 306 28.67 10.09 12.54
C LEU A 306 28.46 10.16 14.06
N ASP A 307 28.48 11.38 14.62
CA ASP A 307 28.28 11.63 16.07
C ASP A 307 26.80 11.98 16.31
N ASP A 308 26.37 12.02 17.57
CA ASP A 308 24.93 12.14 17.94
C ASP A 308 24.46 13.59 17.81
N LEU A 309 25.34 14.52 17.43
CA LEU A 309 24.95 15.91 17.08
C LEU A 309 24.57 15.99 15.60
N TYR A 310 24.73 14.91 14.83
CA TYR A 310 24.36 14.88 13.39
C TYR A 310 22.84 14.99 13.22
N GLY A 311 22.09 14.37 14.13
CA GLY A 311 20.61 14.34 14.07
C GLY A 311 20.08 12.97 13.67
N VAL A 312 18.94 12.59 14.24
CA VAL A 312 18.09 11.47 13.71
C VAL A 312 17.58 11.90 12.32
N ILE A 313 17.12 13.14 12.20
CA ILE A 313 16.87 13.85 10.91
C ILE A 313 17.92 14.96 10.76
N HIS A 314 18.64 14.97 9.64
CA HIS A 314 19.63 16.01 9.24
C HIS A 314 19.12 16.68 7.98
N ALA A 315 18.76 17.96 8.07
CA ALA A 315 17.99 18.68 7.02
C ALA A 315 18.78 19.90 6.56
N MET A 316 19.12 19.93 5.26
CA MET A 316 19.82 21.05 4.59
C MET A 316 18.96 21.46 3.39
N GLY A 317 18.12 22.49 3.55
CA GLY A 317 17.17 22.90 2.51
C GLY A 317 16.09 23.79 3.06
N ASP A 318 15.19 24.23 2.18
CA ASP A 318 14.23 25.33 2.45
C ASP A 318 12.82 24.76 2.60
N ASN A 319 12.04 25.33 3.53
CA ASN A 319 10.57 25.25 3.55
C ASN A 319 10.05 23.81 3.65
N ASN A 320 10.77 22.94 4.34
CA ASN A 320 10.31 21.56 4.65
C ASN A 320 9.37 21.62 5.86
N LEU A 321 8.33 20.79 5.87
CA LEU A 321 7.46 20.59 7.07
C LEU A 321 7.87 19.26 7.70
N ILE A 322 8.53 19.32 8.85
CA ILE A 322 8.88 18.13 9.68
C ILE A 322 7.94 18.14 10.88
N SER A 323 6.87 17.36 10.79
CA SER A 323 5.71 17.48 11.70
C SER A 323 5.18 16.10 12.10
N ASN A 324 4.51 16.04 13.23
CA ASN A 324 3.62 14.92 13.62
C ASN A 324 4.40 13.60 13.54
N ASN A 325 5.64 13.60 14.04
CA ASN A 325 6.49 12.39 14.10
C ASN A 325 6.74 12.03 15.56
N LEU A 326 6.96 10.75 15.85
CA LEU A 326 7.42 10.29 17.17
C LEU A 326 8.88 9.83 17.05
N PHE A 327 9.73 10.28 17.97
CA PHE A 327 11.15 9.88 18.05
C PHE A 327 11.39 9.19 19.39
N ALA A 328 11.83 7.93 19.34
CA ALA A 328 12.20 7.16 20.56
C ALA A 328 13.70 6.90 20.47
N TYR A 329 14.47 7.68 21.24
CA TYR A 329 15.96 7.59 21.35
C TYR A 329 16.32 6.83 22.64
N ASP A 330 17.01 5.71 22.50
CA ASP A 330 17.56 4.94 23.66
C ASP A 330 18.95 4.41 23.29
N VAL A 331 19.99 5.15 23.67
CA VAL A 331 21.42 4.80 23.44
C VAL A 331 22.15 4.86 24.77
N PRO A 332 22.85 3.79 25.21
CA PRO A 332 23.62 3.86 26.45
C PRO A 332 24.57 5.06 26.42
N PRO A 333 24.70 5.85 27.51
CA PRO A 333 25.54 7.06 27.48
C PRO A 333 26.99 6.82 27.05
N GLY A 334 27.52 5.62 27.34
CA GLY A 334 28.87 5.20 26.93
C GLY A 334 28.99 4.99 25.43
N LYS A 335 27.88 5.01 24.68
CA LYS A 335 27.89 4.79 23.21
C LYS A 335 27.55 6.10 22.47
N ILE A 336 27.35 7.20 23.20
CA ILE A 336 27.01 8.53 22.61
C ILE A 336 28.32 9.25 22.27
N ALA A 337 28.39 9.90 21.12
CA ALA A 337 29.57 10.64 20.63
C ALA A 337 29.16 12.08 20.28
N PRO A 338 29.98 13.10 20.65
CA PRO A 338 31.12 12.93 21.55
C PRO A 338 30.66 12.70 22.99
N ALA A 339 31.56 12.20 23.85
CA ALA A 339 31.28 11.85 25.27
C ALA A 339 30.58 13.02 25.95
N GLY A 340 29.47 12.75 26.65
CA GLY A 340 28.74 13.75 27.44
C GLY A 340 27.90 14.70 26.61
N ALA A 341 27.86 14.56 25.28
CA ALA A 341 27.03 15.40 24.39
C ALA A 341 25.55 15.08 24.65
N GLN A 342 24.69 16.10 24.52
CA GLN A 342 23.24 15.93 24.29
C GLN A 342 23.05 15.53 22.84
N PRO A 343 22.52 14.32 22.54
CA PRO A 343 22.10 13.97 21.18
C PRO A 343 21.12 15.00 20.58
N THR A 344 21.23 15.25 19.29
CA THR A 344 20.27 16.07 18.49
C THR A 344 19.29 15.11 17.79
N ILE A 345 17.99 15.33 17.95
CA ILE A 345 16.93 14.54 17.27
C ILE A 345 16.75 15.12 15.87
N MET A 346 16.44 16.41 15.77
CA MET A 346 16.27 17.10 14.47
C MET A 346 17.30 18.23 14.34
N LEU A 347 18.23 18.09 13.39
CA LEU A 347 19.22 19.16 13.06
C LEU A 347 18.80 19.83 11.75
N ILE A 348 18.46 21.12 11.83
CA ILE A 348 18.40 22.03 10.64
C ILE A 348 19.81 22.59 10.42
N ALA A 349 20.59 21.91 9.56
CA ALA A 349 22.01 22.22 9.26
C ALA A 349 22.09 23.52 8.46
N GLY A 350 20.99 23.90 7.80
CA GLY A 350 20.89 25.15 7.02
C GLY A 350 19.59 25.23 6.24
N GLY A 351 19.27 26.43 5.77
CA GLY A 351 18.12 26.67 4.88
C GLY A 351 17.08 27.57 5.55
N ASP A 352 16.08 27.95 4.77
CA ASP A 352 15.15 29.06 5.06
C ASP A 352 13.73 28.51 5.20
N GLY A 353 13.01 28.93 6.25
CA GLY A 353 11.55 28.73 6.37
C GLY A 353 11.13 27.32 6.79
N ASN A 354 12.06 26.47 7.26
CA ASN A 354 11.71 25.10 7.74
C ASN A 354 10.79 25.21 8.95
N VAL A 355 9.77 24.35 8.99
CA VAL A 355 8.75 24.31 10.08
C VAL A 355 8.81 22.93 10.75
N ILE A 356 8.97 22.94 12.07
CA ILE A 356 9.00 21.74 12.93
C ILE A 356 7.82 21.86 13.91
N ALA A 357 6.82 20.99 13.76
CA ALA A 357 5.53 21.12 14.48
C ALA A 357 5.05 19.76 14.97
N THR A 358 4.56 19.72 16.22
CA THR A 358 3.82 18.58 16.81
C THR A 358 4.66 17.28 16.69
N ASN A 359 5.88 17.30 17.19
CA ASN A 359 6.77 16.11 17.28
C ASN A 359 6.94 15.73 18.76
N HIS A 360 6.81 14.44 19.08
CA HIS A 360 7.01 13.90 20.45
C HIS A 360 8.33 13.16 20.49
N VAL A 361 9.21 13.55 21.40
CA VAL A 361 10.54 12.94 21.61
C VAL A 361 10.54 12.28 22.99
N ILE A 362 11.01 11.03 23.05
CA ILE A 362 11.45 10.33 24.28
C ILE A 362 12.92 10.00 24.11
N SER A 363 13.75 10.36 25.09
CA SER A 363 15.16 9.90 25.18
C SER A 363 15.46 9.40 26.60
N ASN A 364 16.46 8.53 26.71
CA ASN A 364 17.02 8.01 28.00
C ASN A 364 17.97 9.05 28.62
N VAL A 365 18.47 10.00 27.83
CA VAL A 365 19.43 11.06 28.29
C VAL A 365 18.86 12.42 27.89
N ASP A 366 19.46 13.51 28.40
CA ASP A 366 19.15 14.89 27.99
C ASP A 366 19.44 15.03 26.50
N THR A 367 18.46 15.50 25.73
CA THR A 367 18.57 15.68 24.26
C THR A 367 18.01 17.05 23.85
N GLN A 368 18.58 17.59 22.79
CA GLN A 368 17.98 18.73 22.04
C GLN A 368 17.07 18.12 20.98
N HIS A 369 15.75 18.30 21.13
CA HIS A 369 14.73 17.78 20.20
C HIS A 369 15.02 18.40 18.83
N VAL A 370 15.42 19.67 18.83
CA VAL A 370 15.70 20.48 17.61
C VAL A 370 16.96 21.30 17.87
N VAL A 371 17.90 21.28 16.93
CA VAL A 371 19.03 22.25 16.86
C VAL A 371 18.94 22.93 15.49
N LEU A 372 19.01 24.26 15.47
CA LEU A 372 19.03 25.06 14.24
C LEU A 372 20.40 25.73 14.11
N ASP A 373 21.12 25.41 13.03
CA ASP A 373 22.44 26.00 12.68
C ASP A 373 22.36 27.53 12.69
N GLY A 374 23.50 28.18 12.94
CA GLY A 374 23.65 29.64 12.74
C GLY A 374 23.17 30.10 11.36
N SER A 375 23.27 29.26 10.32
CA SER A 375 22.92 29.61 8.92
C SER A 375 21.40 29.51 8.65
N ALA A 376 20.64 28.84 9.53
CA ALA A 376 19.17 28.66 9.42
C ALA A 376 18.49 30.02 9.48
N THR A 377 17.51 30.28 8.60
CA THR A 377 16.76 31.57 8.57
C THR A 377 15.26 31.26 8.61
N ARG A 378 14.51 32.10 9.31
CA ARG A 378 13.01 32.10 9.35
C ARG A 378 12.49 30.70 9.69
N SER A 379 13.13 30.00 10.62
CA SER A 379 12.70 28.68 11.14
C SER A 379 11.54 28.86 12.11
N LYS A 380 10.65 27.87 12.18
CA LYS A 380 9.56 27.81 13.19
C LYS A 380 9.60 26.44 13.89
N VAL A 381 9.58 26.46 15.22
CA VAL A 381 9.51 25.24 16.08
C VAL A 381 8.26 25.36 16.96
N LEU A 382 7.28 24.46 16.76
CA LEU A 382 5.98 24.44 17.50
C LEU A 382 5.82 23.07 18.18
N ASP A 383 5.59 23.08 19.50
CA ASP A 383 5.05 21.90 20.24
C ASP A 383 5.89 20.68 19.89
N SER A 384 7.21 20.84 19.93
CA SER A 384 8.19 19.75 19.66
C SER A 384 9.16 19.64 20.83
N GLY A 385 8.75 20.12 22.02
CA GLY A 385 9.54 20.09 23.26
C GLY A 385 9.45 21.40 24.04
N ALA A 386 9.81 21.36 25.33
CA ALA A 386 10.04 22.54 26.20
C ALA A 386 11.15 23.40 25.57
N ALA A 387 11.20 24.68 25.96
CA ALA A 387 12.17 25.68 25.47
C ALA A 387 13.60 25.17 25.65
N SER A 388 13.86 24.49 26.76
CA SER A 388 15.19 23.95 27.14
C SER A 388 15.62 22.80 26.20
N THR A 389 14.72 22.27 25.34
CA THR A 389 15.01 21.17 24.39
C THR A 389 15.23 21.72 22.98
N ILE A 390 15.06 23.02 22.76
CA ILE A 390 15.19 23.70 21.43
C ILE A 390 16.40 24.63 21.47
N THR A 391 17.42 24.34 20.66
CA THR A 391 18.64 25.17 20.50
C THR A 391 18.58 25.86 19.14
N SER A 392 18.50 27.19 19.11
CA SER A 392 18.71 27.98 17.87
C SER A 392 20.03 28.76 17.97
N TYR A 393 21.04 28.32 17.24
CA TYR A 393 22.28 29.11 16.98
C TYR A 393 21.91 30.29 16.06
N SER A 394 20.83 30.13 15.28
CA SER A 394 20.21 31.20 14.46
C SER A 394 19.46 32.18 15.36
N PRO A 395 19.65 33.51 15.20
CA PRO A 395 18.90 34.48 16.00
C PRO A 395 17.42 34.74 15.62
N ASP A 396 16.89 34.14 14.55
CA ASP A 396 15.57 34.54 13.99
C ASP A 396 14.54 33.40 14.03
N THR A 397 14.77 32.33 14.81
CA THR A 397 13.84 31.18 14.96
C THR A 397 12.68 31.57 15.87
N ALA A 398 11.43 31.50 15.39
CA ALA A 398 10.21 31.62 16.23
C ALA A 398 9.97 30.28 16.93
N ILE A 399 9.88 30.28 18.27
CA ILE A 399 9.75 29.04 19.10
C ILE A 399 8.50 29.12 19.97
N ARG A 400 7.58 28.17 19.82
CA ARG A 400 6.51 27.89 20.81
C ARG A 400 6.85 26.58 21.50
N PRO A 401 7.20 26.63 22.82
CA PRO A 401 7.45 25.41 23.58
C PRO A 401 6.13 24.65 23.77
N THR A 402 6.21 23.32 23.86
CA THR A 402 5.09 22.45 24.33
C THR A 402 4.57 23.05 25.64
N PRO A 403 3.27 23.35 25.78
CA PRO A 403 2.71 23.88 27.04
C PRO A 403 3.16 23.16 28.32
N PRO B 1 2.92 -28.99 -15.78
CA PRO B 1 2.37 -27.66 -16.09
C PRO B 1 3.45 -26.73 -16.70
N LEU B 2 4.52 -26.49 -15.93
CA LEU B 2 5.81 -25.91 -16.43
C LEU B 2 6.86 -27.04 -16.40
N ASN B 3 8.09 -26.77 -16.84
CA ASN B 3 9.14 -27.82 -16.95
C ASN B 3 9.99 -27.86 -15.67
N SER B 4 9.36 -27.64 -14.51
CA SER B 4 9.99 -27.71 -13.17
C SER B 4 9.18 -28.68 -12.30
N PRO B 5 9.81 -29.58 -11.53
CA PRO B 5 9.07 -30.40 -10.55
C PRO B 5 8.61 -29.60 -9.32
N ASN B 6 8.95 -28.31 -9.25
CA ASN B 6 8.61 -27.42 -8.10
C ASN B 6 7.33 -26.62 -8.39
N VAL B 7 6.61 -26.96 -9.45
CA VAL B 7 5.29 -26.31 -9.78
C VAL B 7 4.22 -27.39 -9.74
N TYR B 8 3.23 -27.24 -8.87
CA TYR B 8 2.15 -28.24 -8.71
C TYR B 8 0.80 -27.61 -9.03
N ASP B 9 0.01 -28.34 -9.81
CA ASP B 9 -1.43 -28.06 -10.07
C ASP B 9 -2.23 -29.05 -9.22
N VAL B 10 -2.95 -28.57 -8.20
CA VAL B 10 -3.75 -29.43 -7.27
C VAL B 10 -4.77 -30.26 -8.07
N THR B 11 -5.19 -29.80 -9.26
CA THR B 11 -6.24 -30.50 -10.06
C THR B 11 -5.60 -31.57 -10.94
N ALA B 12 -4.26 -31.63 -11.00
CA ALA B 12 -3.51 -32.61 -11.82
C ALA B 12 -2.81 -33.65 -10.93
N TRP B 13 -2.71 -33.44 -9.61
CA TRP B 13 -1.90 -34.30 -8.71
C TRP B 13 -2.69 -35.54 -8.27
N ARG B 14 -2.14 -36.73 -8.50
CA ARG B 14 -2.70 -38.04 -8.05
C ARG B 14 -1.90 -38.52 -6.84
N ILE B 15 -2.59 -38.87 -5.76
CA ILE B 15 -1.96 -39.44 -4.53
C ILE B 15 -1.77 -40.94 -4.78
N LYS B 16 -0.51 -41.39 -4.86
CA LYS B 16 -0.17 -42.83 -4.96
C LYS B 16 -0.74 -43.53 -3.72
N GLY B 17 -1.52 -44.58 -3.95
CA GLY B 17 -2.19 -45.36 -2.88
C GLY B 17 -3.62 -44.91 -2.63
N GLN B 18 -4.02 -43.73 -3.13
CA GLN B 18 -5.40 -43.19 -2.98
C GLN B 18 -5.83 -42.53 -4.28
N PRO B 19 -5.97 -43.34 -5.36
CA PRO B 19 -6.18 -42.81 -6.71
C PRO B 19 -7.47 -42.00 -6.92
N LYS B 20 -8.46 -42.16 -6.04
CA LYS B 20 -9.80 -41.54 -6.21
C LYS B 20 -9.87 -40.21 -5.46
N VAL B 21 -8.91 -39.90 -4.58
CA VAL B 21 -8.88 -38.59 -3.88
C VAL B 21 -8.56 -37.50 -4.92
N THR B 22 -9.40 -36.46 -4.97
CA THR B 22 -9.24 -35.26 -5.83
C THR B 22 -9.07 -34.01 -4.96
N ALA B 23 -8.59 -32.91 -5.55
CA ALA B 23 -8.57 -31.57 -4.92
C ALA B 23 -10.00 -31.25 -4.46
N GLU B 24 -11.01 -31.67 -5.21
CA GLU B 24 -12.44 -31.40 -4.94
C GLU B 24 -12.86 -32.15 -3.66
N SER B 25 -12.49 -33.43 -3.54
CA SER B 25 -12.92 -34.32 -2.41
C SER B 25 -12.11 -34.01 -1.14
N ASP B 26 -10.79 -33.77 -1.23
CA ASP B 26 -9.95 -33.40 -0.05
C ASP B 26 -8.65 -32.75 -0.52
N ILE B 27 -8.69 -31.44 -0.80
CA ILE B 27 -7.50 -30.66 -1.25
C ILE B 27 -6.42 -30.74 -0.17
N GLY B 28 -6.81 -30.86 1.11
CA GLY B 28 -5.89 -31.03 2.24
C GLY B 28 -4.95 -32.22 2.03
N ALA B 29 -5.50 -33.39 1.70
CA ALA B 29 -4.73 -34.63 1.44
C ALA B 29 -3.81 -34.44 0.22
N VAL B 30 -4.33 -33.83 -0.85
CA VAL B 30 -3.55 -33.55 -2.10
C VAL B 30 -2.34 -32.69 -1.73
N ILE B 31 -2.54 -31.59 -0.99
CA ILE B 31 -1.44 -30.64 -0.66
C ILE B 31 -0.43 -31.30 0.27
N ASN B 32 -0.88 -32.05 1.29
CA ASN B 32 0.02 -32.84 2.18
C ASN B 32 0.88 -33.77 1.32
N ASP B 33 0.30 -34.45 0.33
CA ASP B 33 1.04 -35.39 -0.55
C ASP B 33 2.07 -34.61 -1.39
N ILE B 34 1.67 -33.44 -1.93
CA ILE B 34 2.57 -32.53 -2.68
C ILE B 34 3.76 -32.13 -1.80
N ILE B 35 3.51 -31.76 -0.54
CA ILE B 35 4.56 -31.33 0.42
C ILE B 35 5.54 -32.50 0.66
N ALA B 36 5.03 -33.73 0.78
CA ALA B 36 5.87 -34.95 0.95
C ALA B 36 6.76 -35.13 -0.28
N ASP B 37 6.22 -34.90 -1.48
CA ASP B 37 6.96 -35.04 -2.75
C ASP B 37 8.12 -34.03 -2.77
N ILE B 38 7.85 -32.80 -2.35
CA ILE B 38 8.88 -31.71 -2.25
C ILE B 38 10.00 -32.19 -1.32
N LYS B 39 9.64 -32.70 -0.14
CA LYS B 39 10.61 -33.12 0.90
C LYS B 39 11.48 -34.28 0.38
N LYS B 40 10.89 -35.21 -0.37
CA LYS B 40 11.63 -36.38 -0.94
C LYS B 40 12.64 -35.89 -1.97
N ARG B 41 12.33 -34.84 -2.74
CA ARG B 41 13.25 -34.34 -3.80
C ARG B 41 14.24 -33.33 -3.20
N GLN B 42 13.77 -32.51 -2.25
CA GLN B 42 14.57 -31.40 -1.64
C GLN B 42 15.14 -31.90 -0.32
N SER B 43 16.24 -32.66 -0.38
CA SER B 43 16.64 -33.64 0.66
C SER B 43 17.90 -33.19 1.41
N THR B 44 18.43 -31.99 1.16
CA THR B 44 19.60 -31.44 1.90
C THR B 44 19.34 -29.97 2.23
N PRO B 45 19.99 -29.44 3.29
CA PRO B 45 19.89 -28.02 3.64
C PRO B 45 20.33 -26.99 2.58
N GLU B 46 20.93 -27.44 1.47
CA GLU B 46 21.34 -26.56 0.34
C GLU B 46 20.53 -26.90 -0.92
N THR B 47 19.52 -27.76 -0.86
CA THR B 47 18.68 -28.13 -2.03
C THR B 47 17.19 -27.98 -1.70
N ARG B 48 16.82 -26.97 -0.90
CA ARG B 48 15.41 -26.75 -0.47
C ARG B 48 14.92 -25.36 -0.87
N PRO B 49 14.81 -25.07 -2.18
CA PRO B 49 14.28 -23.79 -2.65
C PRO B 49 12.76 -23.61 -2.50
N GLY B 50 12.05 -24.69 -2.18
CA GLY B 50 10.58 -24.73 -2.02
C GLY B 50 9.89 -24.94 -3.35
N ALA B 51 8.65 -24.46 -3.47
CA ALA B 51 7.75 -24.79 -4.59
C ALA B 51 6.51 -23.89 -4.56
N VAL B 52 5.71 -23.97 -5.62
CA VAL B 52 4.39 -23.29 -5.70
C VAL B 52 3.30 -24.35 -5.92
N VAL B 53 2.22 -24.24 -5.16
CA VAL B 53 0.98 -25.05 -5.32
C VAL B 53 -0.09 -24.14 -5.91
N ILE B 54 -0.52 -24.43 -7.13
CA ILE B 54 -1.53 -23.62 -7.89
C ILE B 54 -2.92 -24.19 -7.62
N ILE B 55 -3.86 -23.35 -7.19
CA ILE B 55 -5.29 -23.70 -7.01
C ILE B 55 -6.12 -22.96 -8.05
N PRO B 56 -6.52 -23.63 -9.16
CA PRO B 56 -7.41 -23.03 -10.14
C PRO B 56 -8.70 -22.61 -9.46
N PRO B 57 -9.50 -21.71 -10.08
CA PRO B 57 -10.82 -21.40 -9.54
C PRO B 57 -11.64 -22.70 -9.49
N GLY B 58 -12.48 -22.87 -8.47
CA GLY B 58 -13.27 -24.10 -8.24
C GLY B 58 -13.68 -24.24 -6.78
N ASP B 59 -14.57 -25.19 -6.50
CA ASP B 59 -15.02 -25.52 -5.12
C ASP B 59 -14.24 -26.75 -4.66
N TYR B 60 -13.48 -26.61 -3.59
CA TYR B 60 -12.61 -27.67 -3.02
C TYR B 60 -12.97 -27.83 -1.54
N ASP B 61 -13.28 -29.07 -1.15
CA ASP B 61 -13.43 -29.45 0.28
C ASP B 61 -12.04 -29.77 0.84
N LEU B 62 -11.70 -29.17 1.98
CA LEU B 62 -10.52 -29.54 2.81
C LEU B 62 -11.02 -30.27 4.08
N HIS B 63 -10.77 -31.58 4.17
CA HIS B 63 -11.07 -32.43 5.35
C HIS B 63 -9.80 -32.67 6.16
N THR B 64 -8.63 -32.73 5.53
CA THR B 64 -7.34 -32.99 6.21
C THR B 64 -6.56 -31.68 6.38
N GLN B 65 -6.20 -31.36 7.62
CA GLN B 65 -5.31 -30.23 7.94
C GLN B 65 -4.01 -30.35 7.13
N VAL B 66 -3.62 -29.26 6.47
CA VAL B 66 -2.31 -29.17 5.75
C VAL B 66 -1.26 -28.69 6.76
N VAL B 67 -0.16 -29.42 6.92
CA VAL B 67 0.99 -28.96 7.74
C VAL B 67 2.06 -28.41 6.79
N VAL B 68 2.32 -27.12 6.88
CA VAL B 68 3.37 -26.43 6.08
C VAL B 68 4.61 -26.33 6.96
N ASP B 69 5.65 -27.09 6.62
CA ASP B 69 6.92 -27.15 7.39
C ASP B 69 8.11 -27.11 6.43
N VAL B 70 7.94 -26.47 5.28
CA VAL B 70 9.06 -26.21 4.32
C VAL B 70 9.13 -24.71 4.04
N ASP B 71 10.35 -24.21 3.95
CA ASP B 71 10.63 -22.80 3.59
C ASP B 71 10.16 -22.57 2.14
N TYR B 72 9.77 -21.34 1.83
CA TYR B 72 9.57 -20.87 0.44
C TYR B 72 8.48 -21.70 -0.23
N LEU B 73 7.49 -22.17 0.52
CA LEU B 73 6.25 -22.71 -0.09
C LEU B 73 5.31 -21.55 -0.41
N THR B 74 4.92 -21.44 -1.68
CA THR B 74 3.85 -20.52 -2.13
C THR B 74 2.60 -21.34 -2.42
N ILE B 75 1.47 -20.98 -1.81
CA ILE B 75 0.14 -21.51 -2.20
C ILE B 75 -0.65 -20.35 -2.78
N ALA B 76 -1.03 -20.45 -4.06
CA ALA B 76 -1.55 -19.36 -4.89
C ALA B 76 -2.77 -19.84 -5.66
N GLY B 77 -3.86 -19.09 -5.59
CA GLY B 77 -5.03 -19.25 -6.49
C GLY B 77 -5.10 -18.11 -7.48
N PHE B 78 -6.30 -17.85 -7.99
CA PHE B 78 -6.54 -16.80 -9.02
C PHE B 78 -7.63 -15.83 -8.55
N GLY B 79 -8.09 -15.94 -7.31
CA GLY B 79 -9.22 -15.13 -6.81
C GLY B 79 -9.55 -15.37 -5.36
N HIS B 80 -9.82 -14.28 -4.64
CA HIS B 80 -10.17 -14.21 -3.19
C HIS B 80 -11.63 -14.66 -2.95
N GLY B 81 -12.49 -14.52 -3.96
CA GLY B 81 -13.82 -15.18 -4.03
C GLY B 81 -14.76 -14.79 -2.89
N PHE B 82 -14.61 -13.61 -2.30
CA PHE B 82 -15.41 -13.21 -1.11
C PHE B 82 -16.89 -13.07 -1.51
N PHE B 83 -17.76 -13.56 -0.62
CA PHE B 83 -19.24 -13.47 -0.69
C PHE B 83 -19.77 -13.29 0.73
N SER B 84 -20.76 -12.41 0.92
CA SER B 84 -21.38 -12.18 2.24
C SER B 84 -22.29 -13.36 2.61
N ARG B 85 -21.75 -14.37 3.28
CA ARG B 85 -22.58 -15.44 3.88
C ARG B 85 -23.51 -14.85 4.95
N SER B 86 -23.08 -13.79 5.64
CA SER B 86 -23.87 -13.12 6.73
C SER B 86 -25.21 -12.62 6.18
N ILE B 87 -25.18 -11.89 5.07
CA ILE B 87 -26.43 -11.37 4.44
C ILE B 87 -27.22 -12.57 3.90
N LYS B 88 -26.58 -13.47 3.16
CA LYS B 88 -27.22 -14.69 2.61
C LYS B 88 -28.01 -15.39 3.73
N ASP B 89 -27.39 -15.60 4.89
CA ASP B 89 -27.91 -16.37 6.04
C ASP B 89 -29.12 -15.68 6.70
N ASN B 90 -29.30 -14.37 6.49
CA ASN B 90 -30.24 -13.56 7.30
C ASN B 90 -31.31 -12.92 6.41
N VAL B 91 -31.33 -13.18 5.11
CA VAL B 91 -32.36 -12.62 4.19
C VAL B 91 -32.97 -13.75 3.35
N ASP B 92 -34.05 -13.41 2.65
CA ASP B 92 -34.77 -14.26 1.65
C ASP B 92 -33.89 -14.36 0.40
N THR B 93 -33.33 -15.54 0.11
CA THR B 93 -32.40 -15.75 -1.03
C THR B 93 -33.16 -16.34 -2.22
N THR B 94 -34.50 -16.22 -2.25
CA THR B 94 -35.33 -16.70 -3.39
C THR B 94 -34.90 -15.95 -4.65
N GLY B 95 -34.49 -16.67 -5.70
CA GLY B 95 -34.05 -16.10 -6.99
C GLY B 95 -32.57 -15.74 -7.00
N TRP B 96 -31.83 -15.97 -5.92
CA TRP B 96 -30.39 -15.61 -5.83
C TRP B 96 -29.58 -16.47 -6.80
N LEU B 97 -28.72 -15.84 -7.61
CA LEU B 97 -27.92 -16.53 -8.65
C LEU B 97 -26.67 -17.17 -8.04
N ASN B 98 -26.34 -16.86 -6.79
CA ASN B 98 -25.17 -17.47 -6.09
C ASN B 98 -25.44 -17.53 -4.59
N LEU B 99 -24.96 -18.56 -3.90
CA LEU B 99 -25.27 -18.80 -2.48
C LEU B 99 -24.01 -19.02 -1.64
N GLN B 100 -22.80 -18.95 -2.22
CA GLN B 100 -21.55 -19.25 -1.47
C GLN B 100 -20.36 -18.53 -2.09
N PRO B 101 -19.26 -18.35 -1.32
CA PRO B 101 -18.00 -17.82 -1.86
C PRO B 101 -17.50 -18.68 -3.03
N GLY B 102 -16.59 -18.13 -3.83
CA GLY B 102 -15.98 -18.82 -4.98
C GLY B 102 -14.51 -18.46 -5.14
N GLY B 103 -14.12 -18.13 -6.37
CA GLY B 103 -12.71 -17.99 -6.77
C GLY B 103 -12.00 -19.32 -6.61
N SER B 104 -10.77 -19.29 -6.12
CA SER B 104 -10.01 -20.48 -5.71
C SER B 104 -10.47 -20.86 -4.30
N HIS B 105 -11.56 -21.62 -4.22
CA HIS B 105 -12.48 -21.69 -3.05
C HIS B 105 -12.20 -22.94 -2.20
N ILE B 106 -11.60 -22.78 -1.03
CA ILE B 106 -11.39 -23.90 -0.09
C ILE B 106 -12.45 -23.84 1.01
N ARG B 107 -13.35 -24.81 1.01
CA ARG B 107 -14.34 -25.02 2.09
CA ARG B 107 -14.35 -25.02 2.08
C ARG B 107 -13.63 -25.73 3.24
N VAL B 108 -13.48 -25.06 4.38
CA VAL B 108 -12.71 -25.58 5.55
C VAL B 108 -13.61 -26.52 6.35
N LEU B 109 -13.42 -27.83 6.18
CA LEU B 109 -14.25 -28.88 6.83
C LEU B 109 -13.33 -29.77 7.66
N THR B 110 -12.48 -29.16 8.47
CA THR B 110 -11.46 -29.84 9.30
C THR B 110 -12.13 -30.51 10.49
N PRO B 111 -11.52 -31.56 11.09
CA PRO B 111 -12.04 -32.16 12.31
C PRO B 111 -11.78 -31.25 13.51
N PRO B 112 -12.59 -31.38 14.59
CA PRO B 112 -12.41 -30.55 15.79
C PRO B 112 -11.02 -30.62 16.44
N THR B 113 -10.28 -31.71 16.24
CA THR B 113 -8.95 -32.00 16.86
C THR B 113 -7.79 -31.51 15.98
N SER B 114 -8.01 -31.15 14.72
CA SER B 114 -7.00 -30.47 13.87
C SER B 114 -7.72 -29.44 13.01
N PRO B 115 -8.29 -28.40 13.67
CA PRO B 115 -9.29 -27.54 13.03
C PRO B 115 -8.73 -26.49 12.07
N GLN B 116 -7.43 -26.17 12.16
CA GLN B 116 -6.80 -25.15 11.27
C GLN B 116 -6.59 -25.77 9.88
N ALA B 117 -7.10 -25.12 8.84
CA ALA B 117 -6.96 -25.58 7.43
C ALA B 117 -5.48 -25.73 7.07
N PHE B 118 -4.67 -24.72 7.42
CA PHE B 118 -3.21 -24.68 7.17
C PHE B 118 -2.52 -24.40 8.50
N LEU B 119 -1.74 -25.37 8.97
CA LEU B 119 -0.88 -25.21 10.17
C LEU B 119 0.55 -25.03 9.70
N VAL B 120 1.12 -23.84 9.94
CA VAL B 120 2.52 -23.51 9.55
C VAL B 120 3.39 -23.66 10.79
N ARG B 121 4.19 -24.72 10.82
CA ARG B 121 4.92 -25.12 12.05
C ARG B 121 6.09 -26.03 11.66
N ARG B 122 7.24 -25.77 12.28
CA ARG B 122 8.44 -26.61 12.18
C ARG B 122 9.09 -26.69 13.55
N ASP B 123 9.37 -27.90 14.01
CA ASP B 123 10.29 -28.17 15.15
C ASP B 123 11.70 -28.25 14.56
N GLY B 124 12.62 -27.46 15.08
CA GLY B 124 14.01 -27.40 14.58
C GLY B 124 14.32 -26.02 14.04
N SER B 125 15.53 -25.84 13.53
CA SER B 125 16.07 -24.55 13.03
C SER B 125 16.34 -24.65 11.54
N PRO B 126 16.40 -23.51 10.81
CA PRO B 126 16.09 -22.20 11.36
C PRO B 126 14.57 -21.95 11.38
N ARG B 127 14.17 -20.72 11.69
CA ARG B 127 12.79 -20.22 11.51
C ARG B 127 12.30 -20.57 10.11
N LEU B 128 11.03 -20.93 9.96
CA LEU B 128 10.39 -21.03 8.62
C LEU B 128 10.47 -19.67 7.93
N SER B 129 10.96 -19.65 6.69
CA SER B 129 11.26 -18.40 5.93
C SER B 129 10.49 -18.36 4.61
N GLY B 130 9.94 -17.20 4.26
CA GLY B 130 9.55 -16.83 2.88
C GLY B 130 8.39 -17.65 2.36
N ILE B 131 7.51 -18.09 3.26
CA ILE B 131 6.24 -18.76 2.88
C ILE B 131 5.26 -17.71 2.35
N VAL B 132 4.56 -18.02 1.26
CA VAL B 132 3.59 -17.11 0.61
C VAL B 132 2.23 -17.80 0.53
N PHE B 133 1.19 -17.16 1.05
CA PHE B 133 -0.24 -17.48 0.77
C PHE B 133 -0.85 -16.32 -0.01
N LYS B 134 -1.45 -16.58 -1.18
CA LYS B 134 -2.05 -15.49 -1.98
C LYS B 134 -3.18 -15.97 -2.88
N ASP B 135 -4.14 -15.07 -3.12
CA ASP B 135 -5.10 -15.13 -4.25
C ASP B 135 -5.99 -16.37 -4.13
N PHE B 136 -6.28 -16.85 -2.92
CA PHE B 136 -7.34 -17.89 -2.76
C PHE B 136 -8.27 -17.52 -1.61
N CYS B 137 -9.35 -18.28 -1.51
CA CYS B 137 -10.46 -18.08 -0.54
C CYS B 137 -10.45 -19.19 0.49
N LEU B 138 -10.44 -18.86 1.78
CA LEU B 138 -10.70 -19.83 2.89
C LEU B 138 -12.07 -19.54 3.50
N ASP B 139 -12.96 -20.54 3.42
CA ASP B 139 -14.41 -20.42 3.72
C ASP B 139 -14.76 -21.46 4.79
N GLY B 140 -15.18 -21.01 5.98
CA GLY B 140 -15.56 -21.89 7.11
C GLY B 140 -16.96 -22.46 6.97
N VAL B 141 -17.71 -22.01 5.96
CA VAL B 141 -18.97 -22.59 5.41
C VAL B 141 -20.16 -22.18 6.29
N SER B 142 -20.11 -22.43 7.59
CA SER B 142 -21.24 -22.14 8.52
C SER B 142 -20.72 -21.80 9.92
N PHE B 143 -21.49 -20.99 10.65
CA PHE B 143 -21.35 -20.76 12.11
C PHE B 143 -22.39 -21.65 12.82
N VAL B 144 -22.10 -22.05 14.06
CA VAL B 144 -22.98 -22.92 14.91
C VAL B 144 -23.11 -22.27 16.29
N PRO B 145 -24.25 -22.46 17.01
CA PRO B 145 -25.38 -23.25 16.53
C PRO B 145 -26.18 -22.64 15.36
N ASP B 146 -25.99 -21.34 15.07
CA ASP B 146 -26.66 -20.62 13.95
C ASP B 146 -25.63 -19.74 13.22
N GLY B 147 -26.03 -19.13 12.11
CA GLY B 147 -25.16 -18.35 11.20
C GLY B 147 -24.61 -17.07 11.85
N ASN B 148 -25.14 -16.66 13.00
CA ASN B 148 -24.86 -15.33 13.60
C ASN B 148 -24.00 -15.47 14.86
N SER B 149 -23.55 -16.68 15.20
CA SER B 149 -22.73 -16.94 16.41
C SER B 149 -21.29 -16.46 16.22
N TYR B 150 -20.79 -16.41 14.99
CA TYR B 150 -19.34 -16.22 14.70
C TYR B 150 -18.51 -17.29 15.42
N LYS B 151 -19.04 -18.51 15.61
CA LYS B 151 -18.35 -19.64 16.28
C LYS B 151 -18.40 -20.89 15.40
N ASN B 152 -17.25 -21.54 15.18
CA ASN B 152 -17.17 -22.88 14.53
C ASN B 152 -15.83 -23.56 14.84
N GLY B 153 -14.95 -22.97 15.65
CA GLY B 153 -13.63 -23.54 16.03
C GLY B 153 -12.64 -23.63 14.87
N LYS B 154 -12.99 -23.17 13.66
CA LYS B 154 -12.11 -23.28 12.47
C LYS B 154 -11.14 -22.09 12.41
N THR B 155 -9.91 -22.35 11.97
CA THR B 155 -8.88 -21.33 11.61
C THR B 155 -8.52 -21.52 10.13
N GLY B 156 -8.28 -20.42 9.41
CA GLY B 156 -7.79 -20.46 8.01
C GLY B 156 -6.32 -20.81 7.95
N ILE B 157 -5.47 -19.93 8.48
CA ILE B 157 -3.99 -20.09 8.49
C ILE B 157 -3.51 -19.80 9.90
N ASP B 158 -2.78 -20.75 10.49
CA ASP B 158 -2.20 -20.64 11.85
C ASP B 158 -0.70 -20.90 11.71
N VAL B 159 0.10 -19.86 11.86
CA VAL B 159 1.59 -19.95 11.92
C VAL B 159 1.96 -20.08 13.40
N ALA B 160 2.45 -21.25 13.80
CA ALA B 160 2.58 -21.67 15.23
C ALA B 160 4.04 -21.69 15.67
N SER B 161 5.00 -21.52 14.76
CA SER B 161 6.43 -21.40 15.14
C SER B 161 7.04 -20.13 14.53
N ASP B 162 8.15 -19.69 15.11
CA ASP B 162 8.88 -18.45 14.77
C ASP B 162 9.14 -18.46 13.25
N ASN B 163 8.92 -17.31 12.62
CA ASN B 163 8.84 -17.20 11.14
C ASN B 163 9.45 -15.87 10.70
N ASP B 164 9.95 -15.85 9.47
CA ASP B 164 10.66 -14.69 8.87
C ASP B 164 10.14 -14.50 7.45
N SER B 165 9.75 -13.27 7.10
CA SER B 165 9.45 -12.85 5.71
C SER B 165 8.29 -13.67 5.13
N ILE B 166 7.29 -14.01 5.93
CA ILE B 166 6.02 -14.57 5.39
C ILE B 166 5.23 -13.42 4.74
N HIS B 167 4.53 -13.72 3.65
CA HIS B 167 3.75 -12.75 2.84
C HIS B 167 2.35 -13.33 2.61
N ILE B 168 1.31 -12.65 3.11
CA ILE B 168 -0.13 -13.01 2.95
C ILE B 168 -0.80 -11.89 2.16
N THR B 169 -1.21 -12.16 0.92
CA THR B 169 -1.71 -11.09 0.04
C THR B 169 -2.79 -11.63 -0.91
N GLY B 170 -3.75 -10.77 -1.26
CA GLY B 170 -4.84 -11.05 -2.20
C GLY B 170 -5.74 -12.19 -1.75
N MET B 171 -5.72 -12.52 -0.45
CA MET B 171 -6.50 -13.64 0.12
C MET B 171 -7.96 -13.19 0.36
N GLY B 172 -8.86 -14.17 0.43
CA GLY B 172 -10.22 -14.03 1.01
C GLY B 172 -10.40 -14.96 2.19
N PHE B 173 -10.88 -14.45 3.32
CA PHE B 173 -11.28 -15.24 4.51
C PHE B 173 -12.73 -14.89 4.84
N VAL B 174 -13.54 -15.92 5.02
CA VAL B 174 -14.99 -15.74 5.36
C VAL B 174 -15.45 -16.90 6.24
N TYR B 175 -16.25 -16.60 7.25
CA TYR B 175 -17.01 -17.55 8.11
C TYR B 175 -16.05 -18.53 8.77
N LEU B 176 -14.87 -18.03 9.15
CA LEU B 176 -13.91 -18.73 10.03
C LEU B 176 -13.96 -18.09 11.41
N GLU B 177 -13.90 -18.86 12.49
CA GLU B 177 -13.77 -18.27 13.84
C GLU B 177 -12.45 -17.49 13.95
N HIS B 178 -11.38 -18.00 13.34
CA HIS B 178 -10.06 -17.32 13.23
C HIS B 178 -9.59 -17.38 11.79
N ALA B 179 -9.49 -16.23 11.12
CA ALA B 179 -9.02 -16.15 9.73
C ALA B 179 -7.52 -16.46 9.70
N LEU B 180 -6.71 -15.59 10.31
CA LEU B 180 -5.23 -15.65 10.24
C LEU B 180 -4.65 -15.48 11.63
N ILE B 181 -3.72 -16.36 12.00
CA ILE B 181 -2.96 -16.25 13.28
C ILE B 181 -1.48 -16.39 12.93
N VAL B 182 -0.65 -15.48 13.42
CA VAL B 182 0.82 -15.53 13.22
C VAL B 182 1.49 -15.26 14.56
N ARG B 183 2.09 -16.31 15.10
CA ARG B 183 2.91 -16.29 16.34
C ARG B 183 4.38 -16.07 15.97
N GLY B 184 5.07 -15.19 16.71
CA GLY B 184 6.52 -14.96 16.59
C GLY B 184 6.88 -14.45 15.21
N ALA B 185 6.06 -13.55 14.68
CA ALA B 185 6.21 -12.94 13.34
C ALA B 185 7.41 -11.98 13.29
N ASP B 186 8.37 -12.25 12.40
CA ASP B 186 9.44 -11.29 12.02
C ASP B 186 9.28 -10.94 10.55
N ALA B 187 9.24 -9.64 10.23
CA ALA B 187 9.27 -9.15 8.85
C ALA B 187 8.09 -9.78 8.07
N LEU B 188 6.94 -9.88 8.74
CA LEU B 188 5.66 -10.36 8.16
C LEU B 188 5.01 -9.20 7.40
N ARG B 189 4.36 -9.53 6.30
CA ARG B 189 3.47 -8.60 5.56
C ARG B 189 2.09 -9.22 5.40
N VAL B 190 1.07 -8.61 5.98
CA VAL B 190 -0.36 -8.95 5.74
C VAL B 190 -0.91 -7.80 4.91
N HIS B 191 -0.98 -8.00 3.59
CA HIS B 191 -1.13 -6.93 2.59
C HIS B 191 -2.26 -7.20 1.59
N ASP B 192 -3.20 -6.27 1.49
CA ASP B 192 -4.22 -6.26 0.41
C ASP B 192 -5.00 -7.58 0.43
N ASN B 193 -5.58 -7.89 1.60
CA ASN B 193 -6.46 -9.06 1.80
C ASN B 193 -7.88 -8.59 2.11
N MET B 194 -8.86 -9.42 1.78
CA MET B 194 -10.27 -9.35 2.24
C MET B 194 -10.44 -10.32 3.42
N VAL B 195 -10.59 -9.81 4.64
CA VAL B 195 -10.74 -10.64 5.87
C VAL B 195 -12.03 -10.21 6.60
N ALA B 196 -13.16 -10.85 6.31
CA ALA B 196 -14.48 -10.37 6.80
C ALA B 196 -15.43 -11.51 7.15
N GLU B 197 -16.37 -11.22 8.04
CA GLU B 197 -17.40 -12.16 8.55
C GLU B 197 -16.69 -13.38 9.14
N CYS B 198 -15.62 -13.10 9.88
CA CYS B 198 -14.85 -14.05 10.72
C CYS B 198 -14.98 -13.60 12.17
N GLY B 199 -14.93 -14.53 13.13
CA GLY B 199 -14.97 -14.20 14.56
C GLY B 199 -13.81 -13.28 14.90
N ASN B 200 -12.64 -13.64 14.39
CA ASN B 200 -11.35 -12.92 14.52
C ASN B 200 -10.71 -12.87 13.14
N CYS B 201 -10.02 -11.79 12.79
CA CYS B 201 -9.45 -11.58 11.43
C CYS B 201 -7.95 -11.85 11.46
N VAL B 202 -7.17 -11.06 12.21
CA VAL B 202 -5.69 -11.16 12.19
C VAL B 202 -5.16 -11.06 13.61
N GLU B 203 -4.58 -12.16 14.10
CA GLU B 203 -4.00 -12.27 15.46
C GLU B 203 -2.49 -12.46 15.32
N LEU B 204 -1.73 -11.44 15.74
CA LEU B 204 -0.25 -11.44 15.70
C LEU B 204 0.22 -11.66 17.14
N THR B 205 0.46 -12.93 17.50
CA THR B 205 0.53 -13.42 18.90
C THR B 205 1.98 -13.63 19.36
N GLY B 206 2.17 -13.68 20.68
CA GLY B 206 3.44 -14.01 21.36
C GLY B 206 4.38 -12.82 21.40
N ALA B 207 4.90 -12.45 20.23
CA ALA B 207 5.82 -11.32 20.00
C ALA B 207 6.06 -11.14 18.50
N GLY B 208 6.72 -10.06 18.11
CA GLY B 208 7.05 -9.83 16.70
C GLY B 208 7.88 -8.59 16.48
N GLN B 209 8.42 -8.47 15.27
CA GLN B 209 9.34 -7.38 14.86
C GLN B 209 9.03 -7.02 13.41
N ALA B 210 9.26 -5.75 13.05
CA ALA B 210 9.43 -5.30 11.64
C ALA B 210 8.28 -5.82 10.78
N THR B 211 7.05 -5.78 11.27
CA THR B 211 5.86 -6.29 10.54
C THR B 211 5.07 -5.12 9.93
N ILE B 212 4.44 -5.37 8.78
CA ILE B 212 3.52 -4.42 8.09
C ILE B 212 2.16 -5.11 7.92
N VAL B 213 1.10 -4.44 8.39
CA VAL B 213 -0.30 -4.79 8.05
C VAL B 213 -0.85 -3.62 7.23
N SER B 214 -1.09 -3.82 5.94
CA SER B 214 -1.44 -2.69 5.03
C SER B 214 -2.52 -3.09 4.03
N ASP B 215 -3.39 -2.13 3.73
CA ASP B 215 -4.28 -2.11 2.55
C ASP B 215 -5.33 -3.22 2.66
N ASN B 216 -5.65 -3.68 3.87
CA ASN B 216 -6.62 -4.79 4.10
C ASN B 216 -8.02 -4.23 4.36
N LEU B 217 -9.03 -4.97 3.89
CA LEU B 217 -10.43 -4.82 4.31
C LEU B 217 -10.69 -5.85 5.41
N MET B 218 -11.09 -5.41 6.60
CA MET B 218 -11.30 -6.33 7.76
C MET B 218 -12.61 -6.01 8.49
N GLY B 219 -13.33 -7.07 8.85
CA GLY B 219 -14.53 -7.04 9.70
C GLY B 219 -14.69 -8.37 10.45
N ALA B 220 -14.72 -8.30 11.78
CA ALA B 220 -14.77 -9.46 12.70
C ALA B 220 -16.15 -9.56 13.36
N GLY B 221 -16.24 -10.29 14.46
CA GLY B 221 -17.49 -10.60 15.19
C GLY B 221 -17.41 -10.08 16.62
N PRO B 222 -18.56 -9.87 17.29
CA PRO B 222 -18.61 -9.10 18.54
C PRO B 222 -17.78 -9.66 19.71
N GLU B 223 -17.42 -10.93 19.69
CA GLU B 223 -16.56 -11.56 20.74
C GLU B 223 -15.11 -11.67 20.25
N GLY B 224 -14.80 -11.23 19.03
CA GLY B 224 -13.45 -11.41 18.47
C GLY B 224 -12.74 -10.10 18.15
N VAL B 225 -11.48 -10.22 17.77
CA VAL B 225 -10.58 -9.11 17.39
C VAL B 225 -10.57 -8.96 15.86
N THR B 226 -10.39 -7.74 15.38
CA THR B 226 -10.12 -7.44 13.96
C THR B 226 -8.61 -7.59 13.77
N LEU B 227 -7.82 -6.60 14.19
CA LEU B 227 -6.35 -6.77 14.33
C LEU B 227 -5.98 -6.82 15.81
N LEU B 228 -5.27 -7.89 16.20
CA LEU B 228 -4.62 -8.01 17.53
C LEU B 228 -3.12 -8.15 17.31
N ALA B 229 -2.32 -7.43 18.10
CA ALA B 229 -0.86 -7.63 18.20
C ALA B 229 -0.51 -7.79 19.68
N GLU B 230 0.28 -8.81 20.00
CA GLU B 230 0.86 -9.04 21.36
C GLU B 230 2.38 -8.86 21.29
N ASN B 231 2.91 -7.98 22.14
CA ASN B 231 4.37 -7.77 22.35
C ASN B 231 5.06 -7.55 21.00
N HIS B 232 4.46 -6.78 20.10
CA HIS B 232 5.10 -6.39 18.82
C HIS B 232 5.93 -5.13 19.05
N GLU B 233 7.08 -5.08 18.41
CA GLU B 233 7.96 -3.91 18.28
C GLU B 233 8.01 -3.54 16.78
N GLY B 234 7.80 -2.27 16.44
CA GLY B 234 8.02 -1.80 15.06
C GLY B 234 6.98 -2.33 14.10
N LEU B 235 5.80 -2.69 14.62
CA LEU B 235 4.62 -3.04 13.80
C LEU B 235 4.08 -1.74 13.19
N LEU B 236 3.88 -1.73 11.87
CA LEU B 236 3.32 -0.59 11.12
C LEU B 236 1.95 -1.02 10.58
N VAL B 237 0.91 -0.25 10.89
CA VAL B 237 -0.48 -0.56 10.49
C VAL B 237 -0.97 0.65 9.69
N THR B 238 -1.17 0.47 8.39
CA THR B 238 -1.41 1.62 7.47
C THR B 238 -2.30 1.19 6.31
N GLY B 239 -3.24 2.06 5.93
CA GLY B 239 -4.02 1.92 4.69
C GLY B 239 -5.08 0.85 4.81
N ASN B 240 -5.38 0.41 6.04
CA ASN B 240 -6.43 -0.60 6.29
C ASN B 240 -7.79 0.10 6.47
N ASN B 241 -8.83 -0.56 6.00
CA ASN B 241 -10.24 -0.17 6.21
C ASN B 241 -10.86 -1.22 7.15
N PHE B 242 -10.97 -0.88 8.44
CA PHE B 242 -11.54 -1.73 9.51
C PHE B 242 -13.01 -1.32 9.71
N PHE B 243 -13.93 -2.26 9.52
CA PHE B 243 -15.39 -2.04 9.66
C PHE B 243 -15.92 -3.03 10.70
N PRO B 244 -17.20 -2.91 11.13
CA PRO B 244 -17.73 -3.77 12.20
C PRO B 244 -17.69 -5.27 11.85
N ARG B 245 -17.87 -6.16 12.84
CA ARG B 245 -18.34 -5.81 14.18
C ARG B 245 -17.53 -6.55 15.24
N GLY B 246 -16.20 -6.50 15.14
CA GLY B 246 -15.29 -6.99 16.18
C GLY B 246 -15.57 -6.30 17.51
N ARG B 247 -15.21 -6.95 18.62
CA ARG B 247 -15.24 -6.31 19.95
C ARG B 247 -14.34 -5.08 19.91
N SER B 248 -13.28 -5.15 19.10
CA SER B 248 -12.29 -4.08 18.83
C SER B 248 -11.91 -4.12 17.36
N LEU B 249 -11.37 -3.02 16.84
CA LEU B 249 -10.86 -2.92 15.45
C LEU B 249 -9.34 -3.04 15.51
N LEU B 250 -8.72 -2.37 16.48
CA LEU B 250 -7.27 -2.52 16.71
C LEU B 250 -7.04 -2.75 18.21
N GLU B 251 -6.40 -3.85 18.54
CA GLU B 251 -6.12 -4.21 19.93
C GLU B 251 -4.64 -4.55 20.05
N PHE B 252 -3.87 -3.72 20.76
CA PHE B 252 -2.44 -3.96 21.09
C PHE B 252 -2.32 -4.26 22.59
N THR B 253 -1.53 -5.27 22.95
CA THR B 253 -1.18 -5.59 24.36
C THR B 253 0.34 -5.73 24.45
N GLY B 254 0.97 -4.93 25.30
CA GLY B 254 2.43 -4.89 25.48
C GLY B 254 3.16 -4.54 24.19
N CYS B 255 2.56 -3.74 23.32
CA CYS B 255 3.17 -3.32 22.02
C CYS B 255 3.87 -1.97 22.22
N ASN B 256 5.13 -1.88 21.82
CA ASN B 256 5.95 -0.65 21.98
C ASN B 256 6.56 -0.25 20.64
N ARG B 257 6.69 1.06 20.42
CA ARG B 257 7.41 1.65 19.27
C ARG B 257 6.80 1.08 17.99
N CYS B 258 5.47 1.06 17.96
CA CYS B 258 4.62 0.69 16.80
C CYS B 258 3.96 1.95 16.26
N SER B 259 3.35 1.84 15.09
CA SER B 259 2.69 2.99 14.41
C SER B 259 1.39 2.51 13.76
N VAL B 260 0.31 3.21 14.07
CA VAL B 260 -1.04 3.01 13.45
C VAL B 260 -1.40 4.34 12.78
N THR B 261 -1.32 4.37 11.45
CA THR B 261 -1.32 5.61 10.65
C THR B 261 -2.09 5.38 9.34
N SER B 262 -2.94 6.34 8.96
CA SER B 262 -3.64 6.38 7.65
C SER B 262 -4.53 5.15 7.49
N ASN B 263 -5.33 4.87 8.53
CA ASN B 263 -6.39 3.84 8.51
C ASN B 263 -7.75 4.52 8.66
N ARG B 264 -8.80 3.78 8.30
CA ARG B 264 -10.22 4.11 8.55
C ARG B 264 -10.78 3.07 9.53
N PHE B 265 -11.41 3.52 10.61
CA PHE B 265 -12.01 2.66 11.66
C PHE B 265 -13.50 2.96 11.73
N GLN B 266 -14.34 1.96 11.47
CA GLN B 266 -15.80 2.05 11.76
C GLN B 266 -16.20 0.92 12.73
N GLY B 267 -16.79 1.29 13.87
CA GLY B 267 -17.22 0.36 14.92
C GLY B 267 -18.56 0.73 15.50
N PHE B 268 -19.24 -0.27 16.07
CA PHE B 268 -20.63 -0.18 16.60
C PHE B 268 -20.60 -0.30 18.13
N TYR B 269 -19.43 -0.55 18.73
CA TYR B 269 -19.25 -0.66 20.20
C TYR B 269 -18.14 0.27 20.67
N PRO B 270 -18.12 0.62 21.98
CA PRO B 270 -16.95 1.25 22.58
C PRO B 270 -15.71 0.36 22.47
N GLY B 271 -14.53 0.95 22.64
CA GLY B 271 -13.24 0.22 22.68
C GLY B 271 -12.83 -0.25 21.30
N MET B 272 -13.07 0.55 20.26
CA MET B 272 -12.69 0.22 18.87
C MET B 272 -11.16 0.10 18.80
N MET B 273 -10.43 0.92 19.55
CA MET B 273 -8.94 0.86 19.62
C MET B 273 -8.54 0.70 21.09
N ARG B 274 -7.72 -0.32 21.36
CA ARG B 274 -7.24 -0.62 22.73
C ARG B 274 -5.72 -0.77 22.70
N LEU B 275 -5.04 0.05 23.48
CA LEU B 275 -3.58 -0.06 23.75
C LEU B 275 -3.43 -0.46 25.22
N LEU B 276 -3.27 -1.76 25.45
CA LEU B 276 -3.48 -2.40 26.78
C LEU B 276 -2.13 -2.82 27.38
N ASN B 277 -2.11 -2.93 28.71
CA ASN B 277 -1.06 -3.63 29.49
C ASN B 277 0.30 -2.95 29.31
N GLY B 278 0.32 -1.62 29.10
CA GLY B 278 1.57 -0.86 28.93
C GLY B 278 2.05 -0.93 27.50
N CYS B 279 1.40 -0.18 26.62
CA CYS B 279 1.85 0.08 25.23
C CYS B 279 2.58 1.43 25.25
N LYS B 280 3.87 1.44 24.92
CA LYS B 280 4.75 2.64 25.10
C LYS B 280 5.19 3.17 23.73
N GLU B 281 5.29 4.49 23.62
CA GLU B 281 6.07 5.17 22.56
C GLU B 281 5.52 4.76 21.18
N ASN B 282 4.20 4.66 21.07
CA ASN B 282 3.50 4.33 19.79
C ASN B 282 2.97 5.61 19.16
N LEU B 283 2.90 5.63 17.82
CA LEU B 283 2.30 6.73 17.02
C LEU B 283 0.92 6.27 16.57
N ILE B 284 -0.11 7.03 16.93
CA ILE B 284 -1.53 6.79 16.57
C ILE B 284 -2.03 8.05 15.87
N THR B 285 -1.97 8.10 14.53
CA THR B 285 -2.08 9.39 13.80
C THR B 285 -2.73 9.21 12.43
N SER B 286 -3.36 10.28 11.94
CA SER B 286 -3.93 10.39 10.57
C SER B 286 -4.92 9.24 10.34
N ASN B 287 -5.67 8.88 11.38
CA ASN B 287 -6.73 7.84 11.34
C ASN B 287 -8.10 8.50 11.41
N HIS B 288 -9.07 7.91 10.72
CA HIS B 288 -10.50 8.27 10.79
C HIS B 288 -11.22 7.24 11.66
N PHE B 289 -11.87 7.70 12.73
CA PHE B 289 -12.67 6.88 13.68
C PHE B 289 -14.13 7.28 13.57
N ARG B 290 -14.98 6.29 13.28
CA ARG B 290 -16.45 6.45 13.26
C ARG B 290 -17.05 5.45 14.24
N ARG B 291 -17.55 5.95 15.37
CA ARG B 291 -18.39 5.18 16.32
C ARG B 291 -19.86 5.42 15.96
N GLY B 292 -20.53 4.37 15.47
CA GLY B 292 -21.97 4.39 15.15
C GLY B 292 -22.73 3.34 15.93
N THR B 293 -23.90 2.95 15.43
CA THR B 293 -24.77 1.96 16.10
C THR B 293 -25.17 0.92 15.06
N GLU B 294 -25.36 -0.33 15.50
CA GLU B 294 -25.70 -1.47 14.63
C GLU B 294 -27.01 -1.16 13.88
N GLY B 295 -27.03 -1.41 12.57
CA GLY B 295 -28.20 -1.24 11.68
C GLY B 295 -28.67 -2.55 11.04
N PHE B 296 -27.92 -3.65 11.16
CA PHE B 296 -28.34 -4.96 10.61
C PHE B 296 -29.16 -5.70 11.67
N PRO B 297 -30.49 -5.84 11.48
CA PRO B 297 -31.41 -6.30 12.52
C PRO B 297 -30.96 -7.51 13.32
N PRO B 298 -30.39 -8.58 12.71
CA PRO B 298 -29.96 -9.76 13.46
C PRO B 298 -28.94 -9.47 14.56
N PHE B 299 -28.23 -8.33 14.51
CA PHE B 299 -27.14 -7.99 15.47
C PHE B 299 -27.48 -6.75 16.31
N ILE B 300 -28.67 -6.15 16.13
CA ILE B 300 -29.05 -4.83 16.76
C ILE B 300 -28.89 -4.87 18.29
N ASP B 301 -29.12 -6.00 18.95
CA ASP B 301 -29.05 -6.06 20.44
C ASP B 301 -27.67 -6.55 20.91
N ARG B 302 -26.79 -6.96 19.99
CA ARG B 302 -25.43 -7.48 20.33
C ARG B 302 -24.57 -6.34 20.90
N THR B 303 -23.61 -6.69 21.75
CA THR B 303 -22.79 -5.76 22.56
C THR B 303 -21.45 -6.45 22.86
N ASN B 304 -20.38 -5.68 23.12
CA ASN B 304 -19.03 -6.20 23.46
C ASN B 304 -18.84 -6.09 24.98
N GLY B 305 -19.87 -5.66 25.71
CA GLY B 305 -19.91 -5.63 27.18
C GLY B 305 -19.23 -4.39 27.75
N LEU B 306 -18.85 -3.43 26.91
CA LEU B 306 -18.17 -2.19 27.38
C LEU B 306 -19.14 -1.02 27.25
N ASP B 307 -19.02 -0.04 28.15
CA ASP B 307 -19.88 1.17 28.18
C ASP B 307 -19.12 2.31 27.49
N ASP B 308 -19.79 3.43 27.29
CA ASP B 308 -19.31 4.56 26.47
C ASP B 308 -18.28 5.39 27.24
N LEU B 309 -18.01 5.05 28.50
CA LEU B 309 -16.91 5.69 29.27
C LEU B 309 -15.58 4.95 29.01
N TYR B 310 -15.61 3.82 28.29
CA TYR B 310 -14.38 3.03 28.02
C TYR B 310 -13.47 3.78 27.02
N GLY B 311 -14.05 4.51 26.07
CA GLY B 311 -13.31 5.24 25.04
C GLY B 311 -13.46 4.62 23.66
N VAL B 312 -13.45 5.44 22.60
CA VAL B 312 -13.21 5.00 21.19
C VAL B 312 -11.76 4.52 21.12
N ILE B 313 -10.84 5.29 21.72
CA ILE B 313 -9.45 4.86 22.01
C ILE B 313 -9.32 4.70 23.53
N HIS B 314 -8.81 3.56 23.98
CA HIS B 314 -8.52 3.26 25.39
C HIS B 314 -7.03 2.92 25.50
N ALA B 315 -6.24 3.80 26.10
CA ALA B 315 -4.75 3.74 26.10
C ALA B 315 -4.21 3.63 27.53
N MET B 316 -3.44 2.56 27.77
CA MET B 316 -2.69 2.28 29.04
C MET B 316 -1.21 2.08 28.69
N GLY B 317 -0.39 3.12 28.90
CA GLY B 317 1.07 3.07 28.67
C GLY B 317 1.65 4.45 28.48
N ASP B 318 2.96 4.53 28.23
CA ASP B 318 3.73 5.80 28.29
C ASP B 318 4.01 6.36 26.90
N ASN B 319 3.96 7.68 26.78
CA ASN B 319 4.66 8.45 25.71
C ASN B 319 4.11 8.06 24.33
N ASN B 320 2.82 7.78 24.23
CA ASN B 320 2.15 7.61 22.91
C ASN B 320 1.82 9.01 22.38
N LEU B 321 1.90 9.18 21.06
CA LEU B 321 1.43 10.40 20.35
C LEU B 321 0.12 10.05 19.64
N ILE B 322 -0.99 10.62 20.12
CA ILE B 322 -2.35 10.44 19.55
C ILE B 322 -2.74 11.78 18.89
N SER B 323 -2.55 11.88 17.58
CA SER B 323 -2.54 13.18 16.87
C SER B 323 -3.25 13.09 15.50
N ASN B 324 -3.80 14.21 15.05
CA ASN B 324 -4.30 14.41 13.67
C ASN B 324 -5.27 13.28 13.31
N ASN B 325 -6.15 12.93 14.26
CA ASN B 325 -7.27 11.97 14.04
C ASN B 325 -8.59 12.76 14.02
N LEU B 326 -9.56 12.23 13.28
CA LEU B 326 -10.97 12.68 13.31
C LEU B 326 -11.79 11.57 13.99
N PHE B 327 -12.65 11.96 14.93
CA PHE B 327 -13.63 11.07 15.60
C PHE B 327 -15.03 11.60 15.32
N ALA B 328 -15.86 10.80 14.64
CA ALA B 328 -17.29 11.09 14.38
C ALA B 328 -18.16 10.10 15.16
N TYR B 329 -18.71 10.55 16.28
CA TYR B 329 -19.51 9.73 17.23
C TYR B 329 -20.99 10.07 17.00
N ASP B 330 -21.79 9.05 16.65
CA ASP B 330 -23.25 9.21 16.46
C ASP B 330 -23.94 7.94 17.01
N VAL B 331 -24.34 7.96 18.27
CA VAL B 331 -25.07 6.86 18.96
C VAL B 331 -26.37 7.44 19.52
N PRO B 332 -27.56 6.86 19.18
CA PRO B 332 -28.82 7.28 19.80
C PRO B 332 -28.70 7.36 21.32
N PRO B 333 -29.21 8.44 21.95
CA PRO B 333 -29.12 8.58 23.41
C PRO B 333 -29.62 7.39 24.23
N GLY B 334 -30.65 6.69 23.72
CA GLY B 334 -31.22 5.49 24.37
C GLY B 334 -30.30 4.28 24.27
N LYS B 335 -29.18 4.38 23.54
CA LYS B 335 -28.22 3.26 23.36
C LYS B 335 -26.87 3.59 23.97
N ILE B 336 -26.72 4.74 24.63
CA ILE B 336 -25.48 5.11 25.35
C ILE B 336 -25.56 4.49 26.75
N ALA B 337 -24.42 4.01 27.27
CA ALA B 337 -24.32 3.37 28.60
C ALA B 337 -23.13 3.95 29.35
N PRO B 338 -23.26 4.27 30.65
CA PRO B 338 -24.56 4.28 31.33
C PRO B 338 -25.47 5.43 30.89
N ALA B 339 -26.78 5.29 31.15
CA ALA B 339 -27.86 6.23 30.76
C ALA B 339 -27.47 7.65 31.21
N GLY B 340 -27.59 8.62 30.31
CA GLY B 340 -27.33 10.05 30.57
C GLY B 340 -25.85 10.39 30.72
N ALA B 341 -24.93 9.44 30.51
CA ALA B 341 -23.48 9.69 30.60
C ALA B 341 -23.02 10.47 29.36
N GLN B 342 -21.93 11.22 29.51
CA GLN B 342 -21.16 11.77 28.36
C GLN B 342 -20.21 10.70 27.87
N PRO B 343 -20.34 10.21 26.62
CA PRO B 343 -19.34 9.30 26.04
C PRO B 343 -17.94 9.92 26.09
N THR B 344 -16.93 9.07 26.31
CA THR B 344 -15.49 9.41 26.26
C THR B 344 -14.97 9.01 24.88
N ILE B 345 -14.30 9.92 24.18
CA ILE B 345 -13.70 9.61 22.85
C ILE B 345 -12.33 8.96 23.09
N MET B 346 -11.39 9.70 23.70
CA MET B 346 -10.02 9.18 24.03
C MET B 346 -9.91 9.07 25.55
N LEU B 347 -9.74 7.86 26.07
CA LEU B 347 -9.44 7.62 27.50
C LEU B 347 -7.96 7.26 27.64
N ILE B 348 -7.19 8.10 28.33
CA ILE B 348 -5.85 7.75 28.85
C ILE B 348 -6.08 7.07 30.21
N ALA B 349 -6.08 5.74 30.24
CA ALA B 349 -6.37 4.93 31.46
C ALA B 349 -5.19 5.09 32.44
N GLY B 350 -4.02 5.43 31.94
CA GLY B 350 -2.82 5.65 32.78
C GLY B 350 -1.57 5.76 31.92
N GLY B 351 -0.44 6.05 32.56
CA GLY B 351 0.89 6.11 31.93
C GLY B 351 1.41 7.54 31.89
N ASP B 352 2.69 7.65 31.55
CA ASP B 352 3.46 8.91 31.67
C ASP B 352 3.74 9.50 30.28
N GLY B 353 3.51 10.80 30.12
CA GLY B 353 4.05 11.62 29.02
C GLY B 353 3.28 11.49 27.71
N ASN B 354 2.06 10.93 27.74
CA ASN B 354 1.20 10.79 26.53
C ASN B 354 0.85 12.19 26.00
N VAL B 355 0.87 12.35 24.68
CA VAL B 355 0.52 13.63 24.00
C VAL B 355 -0.67 13.40 23.09
N ILE B 356 -1.73 14.18 23.28
CA ILE B 356 -2.96 14.18 22.45
C ILE B 356 -3.02 15.55 21.76
N ALA B 357 -2.81 15.57 20.44
CA ALA B 357 -2.57 16.82 19.68
C ALA B 357 -3.37 16.81 18.38
N THR B 358 -4.14 17.88 18.14
CA THR B 358 -4.76 18.23 16.83
C THR B 358 -5.73 17.11 16.43
N ASN B 359 -6.71 16.83 17.29
CA ASN B 359 -7.78 15.84 17.03
C ASN B 359 -9.11 16.59 16.92
N HIS B 360 -9.93 16.25 15.92
CA HIS B 360 -11.27 16.85 15.79
C HIS B 360 -12.33 15.81 16.15
N VAL B 361 -13.25 16.19 17.02
CA VAL B 361 -14.38 15.34 17.46
C VAL B 361 -15.68 15.99 17.01
N ILE B 362 -16.56 15.20 16.38
CA ILE B 362 -18.00 15.48 16.20
C ILE B 362 -18.77 14.40 16.97
N SER B 363 -19.75 14.79 17.78
CA SER B 363 -20.68 13.85 18.44
C SER B 363 -22.09 14.42 18.38
N ASN B 364 -23.10 13.54 18.38
CA ASN B 364 -24.53 13.89 18.37
C ASN B 364 -24.97 14.30 19.78
N VAL B 365 -24.20 13.95 20.80
CA VAL B 365 -24.47 14.29 22.24
C VAL B 365 -23.24 14.95 22.83
N ASP B 366 -23.36 15.55 24.02
CA ASP B 366 -22.20 16.12 24.74
C ASP B 366 -21.25 14.97 25.07
N THR B 367 -19.96 15.13 24.72
CA THR B 367 -18.91 14.09 24.93
C THR B 367 -17.69 14.74 25.57
N GLN B 368 -16.94 13.98 26.35
CA GLN B 368 -15.56 14.36 26.72
C GLN B 368 -14.65 13.83 25.59
N HIS B 369 -14.08 14.74 24.81
CA HIS B 369 -13.06 14.45 23.76
C HIS B 369 -11.92 13.65 24.40
N VAL B 370 -11.46 14.08 25.57
CA VAL B 370 -10.35 13.41 26.30
C VAL B 370 -10.73 13.30 27.77
N VAL B 371 -10.60 12.10 28.33
CA VAL B 371 -10.56 11.90 29.80
C VAL B 371 -9.21 11.28 30.12
N LEU B 372 -8.51 11.85 31.09
CA LEU B 372 -7.22 11.32 31.59
C LEU B 372 -7.50 10.80 33.00
N ASP B 373 -7.21 9.53 33.23
CA ASP B 373 -7.22 8.88 34.55
C ASP B 373 -6.37 9.70 35.51
N GLY B 374 -6.75 9.74 36.78
CA GLY B 374 -5.96 10.39 37.84
C GLY B 374 -4.52 9.92 37.86
N SER B 375 -4.25 8.67 37.46
CA SER B 375 -2.90 8.05 37.53
C SER B 375 -1.97 8.57 36.41
N ALA B 376 -2.51 9.14 35.34
CA ALA B 376 -1.71 9.70 34.22
C ALA B 376 -0.79 10.80 34.75
N THR B 377 0.45 10.85 34.27
CA THR B 377 1.47 11.87 34.64
C THR B 377 2.03 12.56 33.38
N ARG B 378 2.36 13.83 33.51
CA ARG B 378 3.00 14.68 32.47
C ARG B 378 2.31 14.47 31.12
N SER B 379 0.99 14.43 31.10
CA SER B 379 0.16 14.33 29.87
C SER B 379 0.10 15.71 29.20
N LYS B 380 0.00 15.75 27.88
CA LYS B 380 -0.27 16.97 27.06
C LYS B 380 -1.54 16.74 26.26
N VAL B 381 -2.48 17.68 26.32
CA VAL B 381 -3.71 17.71 25.48
C VAL B 381 -3.73 19.05 24.74
N LEU B 382 -3.45 19.01 23.44
CA LEU B 382 -3.30 20.21 22.55
C LEU B 382 -4.38 20.17 21.47
N ASP B 383 -5.20 21.22 21.39
CA ASP B 383 -6.10 21.46 20.23
C ASP B 383 -6.90 20.19 19.91
N SER B 384 -7.51 19.60 20.93
CA SER B 384 -8.35 18.37 20.82
C SER B 384 -9.71 18.60 21.47
N GLY B 385 -10.15 19.87 21.51
CA GLY B 385 -11.45 20.28 22.08
C GLY B 385 -11.31 21.48 22.99
N ALA B 386 -12.42 22.19 23.18
CA ALA B 386 -12.56 23.29 24.17
C ALA B 386 -12.35 22.72 25.57
N ALA B 387 -12.09 23.61 26.54
CA ALA B 387 -11.85 23.28 27.96
C ALA B 387 -12.96 22.36 28.48
N SER B 388 -14.22 22.57 28.07
CA SER B 388 -15.41 21.88 28.63
C SER B 388 -15.52 20.44 28.09
N THR B 389 -14.67 20.05 27.12
CA THR B 389 -14.68 18.69 26.52
C THR B 389 -13.47 17.87 27.00
N ILE B 390 -12.61 18.47 27.82
CA ILE B 390 -11.41 17.80 28.40
C ILE B 390 -11.60 17.63 29.91
N THR B 391 -11.58 16.40 30.39
CA THR B 391 -11.58 16.04 31.83
C THR B 391 -10.24 15.40 32.18
N SER B 392 -9.42 16.11 32.96
CA SER B 392 -8.19 15.57 33.59
C SER B 392 -8.43 15.38 35.08
N TYR B 393 -8.54 14.13 35.54
CA TYR B 393 -8.53 13.78 36.99
C TYR B 393 -7.08 13.79 37.46
N SER B 394 -6.14 13.73 36.52
CA SER B 394 -4.70 13.95 36.78
C SER B 394 -4.45 15.43 37.00
N PRO B 395 -3.75 15.80 38.10
CA PRO B 395 -3.53 17.21 38.43
C PRO B 395 -2.39 17.88 37.62
N ASP B 396 -1.61 17.15 36.83
CA ASP B 396 -0.41 17.72 36.16
C ASP B 396 -0.51 17.65 34.62
N THR B 397 -1.72 17.57 34.04
CA THR B 397 -1.88 17.56 32.57
C THR B 397 -1.84 19.01 32.06
N ALA B 398 -0.98 19.32 31.10
CA ALA B 398 -0.98 20.62 30.41
C ALA B 398 -2.05 20.56 29.31
N ILE B 399 -3.03 21.46 29.36
CA ILE B 399 -4.16 21.51 28.39
C ILE B 399 -4.08 22.83 27.63
N ARG B 400 -4.05 22.77 26.30
CA ARG B 400 -4.32 23.94 25.44
C ARG B 400 -5.67 23.68 24.77
N PRO B 401 -6.74 24.37 25.21
CA PRO B 401 -8.05 24.23 24.58
C PRO B 401 -7.95 24.67 23.12
N THR B 402 -8.74 24.04 22.26
CA THR B 402 -9.00 24.56 20.89
C THR B 402 -9.47 26.00 21.06
N PRO B 403 -8.82 27.00 20.43
CA PRO B 403 -9.19 28.41 20.62
C PRO B 403 -10.70 28.69 20.41
N PRO C 1 -4.33 -25.93 -20.23
CA PRO C 1 -3.15 -25.33 -19.58
C PRO C 1 -2.93 -25.89 -18.16
N LEU C 2 -3.95 -25.76 -17.31
CA LEU C 2 -4.05 -26.43 -15.99
C LEU C 2 -5.19 -27.45 -16.10
N ASN C 3 -5.32 -28.36 -15.15
CA ASN C 3 -6.28 -29.49 -15.24
C ASN C 3 -7.66 -29.07 -14.71
N SER C 4 -8.05 -27.80 -14.91
CA SER C 4 -9.37 -27.24 -14.48
C SER C 4 -10.07 -26.64 -15.67
N PRO C 5 -11.41 -26.85 -15.82
CA PRO C 5 -12.18 -26.18 -16.87
C PRO C 5 -12.42 -24.69 -16.56
N ASN C 6 -11.95 -24.21 -15.40
CA ASN C 6 -12.16 -22.82 -14.93
C ASN C 6 -10.93 -21.96 -15.23
N VAL C 7 -9.95 -22.49 -15.98
CA VAL C 7 -8.76 -21.73 -16.45
C VAL C 7 -8.82 -21.64 -17.97
N TYR C 8 -8.92 -20.42 -18.48
CA TYR C 8 -9.00 -20.12 -19.93
C TYR C 8 -7.80 -19.27 -20.34
N ASP C 9 -7.13 -19.68 -21.41
CA ASP C 9 -6.08 -18.90 -22.09
C ASP C 9 -6.73 -18.27 -23.32
N VAL C 10 -6.83 -16.93 -23.39
CA VAL C 10 -7.57 -16.24 -24.49
C VAL C 10 -6.95 -16.62 -25.84
N THR C 11 -5.67 -17.00 -25.87
CA THR C 11 -4.93 -17.30 -27.14
C THR C 11 -5.18 -18.75 -27.56
N ALA C 12 -5.63 -19.61 -26.64
CA ALA C 12 -5.93 -21.04 -26.90
C ALA C 12 -7.41 -21.23 -27.23
N TRP C 13 -8.29 -20.35 -26.76
CA TRP C 13 -9.76 -20.53 -26.87
C TRP C 13 -10.19 -20.30 -28.32
N ARG C 14 -10.96 -21.23 -28.87
CA ARG C 14 -11.55 -21.13 -30.22
C ARG C 14 -13.06 -21.10 -30.06
N ILE C 15 -13.73 -20.15 -30.72
CA ILE C 15 -15.21 -20.11 -30.81
C ILE C 15 -15.64 -21.13 -31.87
N LYS C 16 -16.31 -22.20 -31.45
CA LYS C 16 -16.83 -23.25 -32.35
C LYS C 16 -17.74 -22.56 -33.38
N GLY C 17 -17.46 -22.76 -34.67
CA GLY C 17 -18.21 -22.15 -35.78
C GLY C 17 -17.67 -20.79 -36.21
N GLN C 18 -16.65 -20.25 -35.52
CA GLN C 18 -16.06 -18.92 -35.88
C GLN C 18 -14.54 -18.96 -35.77
N PRO C 19 -13.85 -19.82 -36.55
CA PRO C 19 -12.41 -20.02 -36.41
C PRO C 19 -11.55 -18.76 -36.62
N LYS C 20 -12.04 -17.74 -37.34
CA LYS C 20 -11.29 -16.49 -37.64
C LYS C 20 -11.47 -15.45 -36.52
N VAL C 21 -12.24 -15.73 -35.48
CA VAL C 21 -12.38 -14.82 -34.30
C VAL C 21 -11.39 -15.28 -33.22
N THR C 22 -10.31 -14.52 -33.06
CA THR C 22 -9.19 -14.83 -32.15
C THR C 22 -9.02 -13.68 -31.17
N ALA C 23 -8.20 -13.88 -30.14
CA ALA C 23 -7.84 -12.84 -29.16
C ALA C 23 -7.33 -11.61 -29.92
N GLU C 24 -6.57 -11.83 -31.00
CA GLU C 24 -5.94 -10.76 -31.81
C GLU C 24 -7.04 -9.99 -32.54
N SER C 25 -7.98 -10.68 -33.20
CA SER C 25 -9.00 -10.03 -34.06
C SER C 25 -10.08 -9.37 -33.19
N ASP C 26 -10.58 -10.06 -32.16
CA ASP C 26 -11.64 -9.51 -31.27
C ASP C 26 -11.65 -10.28 -29.94
N ILE C 27 -10.79 -9.87 -28.99
CA ILE C 27 -10.66 -10.51 -27.65
C ILE C 27 -11.97 -10.34 -26.87
N GLY C 28 -12.73 -9.29 -27.18
CA GLY C 28 -14.10 -9.08 -26.67
C GLY C 28 -14.98 -10.29 -26.94
N ALA C 29 -15.05 -10.71 -28.19
CA ALA C 29 -15.90 -11.83 -28.67
C ALA C 29 -15.41 -13.13 -28.02
N VAL C 30 -14.09 -13.32 -27.95
CA VAL C 30 -13.47 -14.54 -27.33
C VAL C 30 -13.91 -14.61 -25.86
N ILE C 31 -13.78 -13.51 -25.11
CA ILE C 31 -14.07 -13.51 -23.65
C ILE C 31 -15.58 -13.70 -23.42
N ASN C 32 -16.44 -13.09 -24.26
CA ASN C 32 -17.92 -13.32 -24.18
C ASN C 32 -18.20 -14.82 -24.36
N ASP C 33 -17.53 -15.46 -25.32
CA ASP C 33 -17.71 -16.92 -25.59
C ASP C 33 -17.21 -17.73 -24.38
N ILE C 34 -16.11 -17.30 -23.77
CA ILE C 34 -15.57 -17.94 -22.54
C ILE C 34 -16.62 -17.83 -21.44
N ILE C 35 -17.27 -16.67 -21.28
CA ILE C 35 -18.29 -16.41 -20.21
C ILE C 35 -19.53 -17.28 -20.47
N ALA C 36 -19.93 -17.47 -21.74
CA ALA C 36 -21.04 -18.37 -22.14
C ALA C 36 -20.69 -19.81 -21.76
N ASP C 37 -19.43 -20.20 -21.89
CA ASP C 37 -18.95 -21.54 -21.49
C ASP C 37 -19.02 -21.69 -19.95
N ILE C 38 -18.59 -20.68 -19.19
CA ILE C 38 -18.68 -20.67 -17.70
C ILE C 38 -20.13 -20.91 -17.28
N LYS C 39 -21.07 -20.16 -17.85
CA LYS C 39 -22.50 -20.20 -17.46
C LYS C 39 -23.10 -21.57 -17.79
N LYS C 40 -22.66 -22.17 -18.91
CA LYS C 40 -23.11 -23.50 -19.38
C LYS C 40 -22.74 -24.57 -18.35
N ARG C 41 -21.53 -24.50 -17.78
CA ARG C 41 -21.01 -25.52 -16.81
C ARG C 41 -21.45 -25.17 -15.38
N GLN C 42 -21.36 -23.89 -15.00
CA GLN C 42 -21.68 -23.41 -13.64
C GLN C 42 -23.17 -23.02 -13.63
N SER C 43 -24.05 -24.01 -13.49
CA SER C 43 -25.49 -23.92 -13.84
C SER C 43 -26.41 -23.86 -12.60
N THR C 44 -25.86 -23.84 -11.38
CA THR C 44 -26.66 -23.68 -10.13
C THR C 44 -26.02 -22.64 -9.22
N PRO C 45 -26.82 -22.01 -8.31
CA PRO C 45 -26.28 -21.07 -7.33
C PRO C 45 -25.29 -21.67 -6.32
N GLU C 46 -25.03 -22.98 -6.37
CA GLU C 46 -24.03 -23.64 -5.50
C GLU C 46 -22.88 -24.23 -6.31
N THR C 47 -22.83 -23.99 -7.63
CA THR C 47 -21.76 -24.51 -8.53
C THR C 47 -21.24 -23.37 -9.41
N ARG C 48 -21.13 -22.16 -8.86
CA ARG C 48 -20.64 -20.96 -9.58
C ARG C 48 -19.42 -20.36 -8.87
N PRO C 49 -18.30 -21.10 -8.76
CA PRO C 49 -17.06 -20.51 -8.21
C PRO C 49 -16.37 -19.49 -9.12
N GLY C 50 -16.78 -19.42 -10.39
CA GLY C 50 -16.23 -18.49 -11.40
C GLY C 50 -15.05 -19.09 -12.13
N ALA C 51 -14.15 -18.26 -12.65
CA ALA C 51 -13.03 -18.69 -13.51
C ALA C 51 -11.96 -17.61 -13.59
N VAL C 52 -10.84 -17.94 -14.24
CA VAL C 52 -9.76 -16.98 -14.58
C VAL C 52 -9.57 -16.97 -16.09
N VAL C 53 -9.53 -15.78 -16.67
CA VAL C 53 -9.19 -15.55 -18.10
C VAL C 53 -7.78 -15.00 -18.16
N ILE C 54 -6.86 -15.75 -18.76
CA ILE C 54 -5.41 -15.41 -18.82
C ILE C 54 -5.14 -14.73 -20.15
N ILE C 55 -4.53 -13.55 -20.12
CA ILE C 55 -4.17 -12.74 -21.31
C ILE C 55 -2.66 -12.68 -21.38
N PRO C 56 -2.01 -13.57 -22.17
CA PRO C 56 -0.56 -13.48 -22.39
C PRO C 56 -0.19 -12.11 -22.91
N PRO C 57 1.09 -11.70 -22.79
CA PRO C 57 1.54 -10.47 -23.44
C PRO C 57 1.29 -10.58 -24.96
N GLY C 58 0.91 -9.45 -25.58
CA GLY C 58 0.52 -9.40 -27.01
C GLY C 58 -0.40 -8.22 -27.29
N ASP C 59 -0.63 -7.94 -28.58
CA ASP C 59 -1.53 -6.86 -29.05
C ASP C 59 -2.86 -7.51 -29.45
N TYR C 60 -3.94 -7.09 -28.81
CA TYR C 60 -5.29 -7.67 -28.99
C TYR C 60 -6.27 -6.53 -29.25
N ASP C 61 -7.02 -6.61 -30.34
CA ASP C 61 -8.13 -5.67 -30.63
C ASP C 61 -9.39 -6.18 -29.94
N LEU C 62 -10.12 -5.27 -29.26
CA LEU C 62 -11.47 -5.52 -28.70
C LEU C 62 -12.47 -4.67 -29.48
N HIS C 63 -13.28 -5.31 -30.32
CA HIS C 63 -14.39 -4.67 -31.06
C HIS C 63 -15.69 -4.89 -30.29
N THR C 64 -15.87 -6.05 -29.65
CA THR C 64 -17.14 -6.41 -28.98
C THR C 64 -17.04 -6.14 -27.48
N GLN C 65 -17.95 -5.34 -26.95
CA GLN C 65 -18.09 -5.07 -25.50
C GLN C 65 -18.16 -6.43 -24.77
N VAL C 66 -17.41 -6.57 -23.68
CA VAL C 66 -17.51 -7.76 -22.80
C VAL C 66 -18.53 -7.43 -21.71
N VAL C 67 -19.51 -8.31 -21.52
CA VAL C 67 -20.49 -8.20 -20.41
C VAL C 67 -20.09 -9.21 -19.34
N VAL C 68 -19.61 -8.70 -18.20
CA VAL C 68 -19.23 -9.55 -17.03
C VAL C 68 -20.44 -9.59 -16.09
N ASP C 69 -21.10 -10.75 -15.99
CA ASP C 69 -22.32 -10.94 -15.18
C ASP C 69 -22.19 -12.19 -14.32
N VAL C 70 -20.96 -12.63 -14.03
CA VAL C 70 -20.69 -13.80 -13.15
C VAL C 70 -19.76 -13.35 -12.02
N ASP C 71 -20.03 -13.86 -10.82
CA ASP C 71 -19.19 -13.64 -9.62
C ASP C 71 -17.84 -14.30 -9.82
N TYR C 72 -16.82 -13.75 -9.15
CA TYR C 72 -15.50 -14.40 -9.01
C TYR C 72 -14.89 -14.61 -10.40
N LEU C 73 -15.15 -13.72 -11.35
CA LEU C 73 -14.39 -13.72 -12.63
C LEU C 73 -13.10 -12.92 -12.41
N THR C 74 -11.95 -13.57 -12.58
CA THR C 74 -10.63 -12.92 -12.64
C THR C 74 -10.20 -12.82 -14.11
N ILE C 75 -9.98 -11.59 -14.57
CA ILE C 75 -9.31 -11.32 -15.87
C ILE C 75 -7.92 -10.78 -15.53
N ALA C 76 -6.90 -11.56 -15.87
CA ALA C 76 -5.49 -11.37 -15.44
C ALA C 76 -4.55 -11.40 -16.65
N GLY C 77 -3.70 -10.39 -16.78
CA GLY C 77 -2.56 -10.38 -17.72
C GLY C 77 -1.23 -10.62 -17.02
N PHE C 78 -0.12 -10.25 -17.66
CA PHE C 78 1.26 -10.35 -17.10
C PHE C 78 1.95 -8.99 -17.06
N GLY C 79 1.25 -7.90 -17.39
CA GLY C 79 1.88 -6.58 -17.53
C GLY C 79 0.88 -5.49 -17.87
N HIS C 80 1.05 -4.34 -17.23
CA HIS C 80 0.20 -3.14 -17.36
C HIS C 80 0.51 -2.37 -18.65
N GLY C 81 1.72 -2.53 -19.21
CA GLY C 81 2.09 -2.11 -20.56
C GLY C 81 1.99 -0.62 -20.84
N PHE C 82 2.09 0.24 -19.83
CA PHE C 82 1.86 1.70 -20.01
C PHE C 82 2.95 2.31 -20.91
N PHE C 83 2.51 3.15 -21.85
CA PHE C 83 3.35 3.96 -22.78
C PHE C 83 2.71 5.34 -22.91
N SER C 84 3.49 6.42 -22.84
CA SER C 84 2.99 7.81 -23.02
C SER C 84 2.65 8.03 -24.50
N ARG C 85 1.39 7.79 -24.87
CA ARG C 85 0.85 8.17 -26.20
C ARG C 85 0.87 9.70 -26.30
N SER C 86 0.71 10.42 -25.17
CA SER C 86 0.64 11.90 -25.14
C SER C 86 1.96 12.47 -25.64
N ILE C 87 3.09 11.97 -25.14
CA ILE C 87 4.43 12.46 -25.58
C ILE C 87 4.66 12.00 -27.03
N LYS C 88 4.34 10.74 -27.34
CA LYS C 88 4.50 10.18 -28.71
C LYS C 88 3.78 11.08 -29.73
N ASP C 89 2.57 11.53 -29.39
CA ASP C 89 1.66 12.26 -30.30
C ASP C 89 2.15 13.69 -30.53
N ASN C 90 3.11 14.18 -29.73
CA ASN C 90 3.42 15.64 -29.66
C ASN C 90 4.90 15.93 -29.94
N VAL C 91 5.74 14.91 -30.14
CA VAL C 91 7.19 15.10 -30.43
C VAL C 91 7.54 14.32 -31.71
N ASP C 92 8.78 14.49 -32.19
CA ASP C 92 9.34 13.78 -33.37
C ASP C 92 9.74 12.38 -32.91
N THR C 93 9.16 11.34 -33.52
CA THR C 93 9.29 9.93 -33.08
C THR C 93 10.21 9.18 -34.05
N THR C 94 10.94 9.92 -34.89
CA THR C 94 11.96 9.35 -35.80
C THR C 94 12.91 8.47 -34.99
N GLY C 95 13.12 7.21 -35.40
CA GLY C 95 14.06 6.28 -34.76
C GLY C 95 13.50 5.66 -33.49
N TRP C 96 12.28 6.02 -33.08
CA TRP C 96 11.63 5.43 -31.88
C TRP C 96 11.43 3.93 -32.10
N LEU C 97 11.84 3.12 -31.11
CA LEU C 97 11.77 1.64 -31.17
C LEU C 97 10.35 1.17 -30.76
N ASN C 98 9.52 2.05 -30.21
CA ASN C 98 8.12 1.72 -29.84
C ASN C 98 7.24 2.96 -29.98
N LEU C 99 6.00 2.76 -30.45
CA LEU C 99 5.01 3.84 -30.72
C LEU C 99 3.67 3.53 -30.03
N GLN C 100 3.55 2.45 -29.26
CA GLN C 100 2.25 2.13 -28.60
C GLN C 100 2.45 1.37 -27.29
N PRO C 101 1.42 1.38 -26.40
CA PRO C 101 1.41 0.57 -25.18
C PRO C 101 1.53 -0.92 -25.50
N GLY C 102 1.87 -1.73 -24.49
CA GLY C 102 2.17 -3.17 -24.67
C GLY C 102 1.71 -3.98 -23.47
N GLY C 103 2.51 -4.96 -23.07
CA GLY C 103 2.14 -5.95 -22.04
C GLY C 103 0.98 -6.81 -22.53
N SER C 104 0.02 -7.09 -21.65
CA SER C 104 -1.26 -7.76 -21.99
C SER C 104 -2.20 -6.68 -22.53
N HIS C 105 -2.01 -6.36 -23.81
CA HIS C 105 -2.41 -5.09 -24.46
C HIS C 105 -3.76 -5.25 -25.16
N ILE C 106 -4.82 -4.73 -24.56
CA ILE C 106 -6.17 -4.68 -25.18
C ILE C 106 -6.36 -3.28 -25.77
N ARG C 107 -6.41 -3.22 -27.11
CA ARG C 107 -6.74 -1.99 -27.86
CA ARG C 107 -6.74 -1.99 -27.86
C ARG C 107 -8.27 -1.87 -27.91
N VAL C 108 -8.83 -0.89 -27.19
CA VAL C 108 -10.31 -0.69 -27.08
C VAL C 108 -10.78 -0.02 -28.38
N LEU C 109 -11.53 -0.75 -29.20
CA LEU C 109 -12.05 -0.28 -30.51
C LEU C 109 -13.56 -0.56 -30.54
N THR C 110 -14.25 -0.18 -29.47
CA THR C 110 -15.70 -0.44 -29.27
C THR C 110 -16.52 0.51 -30.14
N PRO C 111 -17.76 0.13 -30.52
CA PRO C 111 -18.64 1.02 -31.28
C PRO C 111 -19.22 2.09 -30.36
N PRO C 112 -19.63 3.26 -30.90
CA PRO C 112 -20.17 4.35 -30.08
C PRO C 112 -21.38 3.96 -29.23
N THR C 113 -22.10 2.89 -29.59
CA THR C 113 -23.36 2.44 -28.96
C THR C 113 -23.13 1.34 -27.91
N SER C 114 -21.93 0.77 -27.82
CA SER C 114 -21.50 -0.08 -26.67
C SER C 114 -20.04 0.24 -26.35
N PRO C 115 -19.77 1.48 -25.87
CA PRO C 115 -18.42 2.04 -25.86
C PRO C 115 -17.47 1.54 -24.75
N GLN C 116 -18.01 0.88 -23.71
CA GLN C 116 -17.21 0.34 -22.58
C GLN C 116 -16.66 -1.04 -22.99
N ALA C 117 -15.34 -1.22 -22.90
CA ALA C 117 -14.64 -2.49 -23.22
C ALA C 117 -15.21 -3.60 -22.34
N PHE C 118 -15.27 -3.37 -21.03
CA PHE C 118 -15.88 -4.29 -20.04
C PHE C 118 -17.05 -3.60 -19.35
N LEU C 119 -18.25 -4.16 -19.50
CA LEU C 119 -19.47 -3.74 -18.78
C LEU C 119 -19.75 -4.81 -17.71
N VAL C 120 -19.52 -4.45 -16.44
CA VAL C 120 -19.79 -5.34 -15.28
C VAL C 120 -21.18 -4.99 -14.75
N ARG C 121 -22.15 -5.87 -14.98
CA ARG C 121 -23.59 -5.57 -14.79
C ARG C 121 -24.36 -6.88 -14.62
N ARG C 122 -25.25 -6.92 -13.62
CA ARG C 122 -26.19 -8.04 -13.42
C ARG C 122 -27.51 -7.46 -12.92
N ASP C 123 -28.57 -7.66 -13.71
CA ASP C 123 -29.97 -7.47 -13.27
C ASP C 123 -30.32 -8.74 -12.51
N GLY C 124 -30.62 -8.61 -11.22
CA GLY C 124 -30.87 -9.77 -10.34
C GLY C 124 -30.04 -9.67 -9.09
N SER C 125 -30.04 -10.74 -8.29
CA SER C 125 -29.47 -10.77 -6.92
C SER C 125 -28.70 -12.08 -6.74
N PRO C 126 -27.67 -12.14 -5.88
CA PRO C 126 -27.19 -10.97 -5.12
C PRO C 126 -26.29 -10.03 -5.95
N ARG C 127 -25.71 -9.02 -5.30
CA ARG C 127 -24.66 -8.12 -5.87
C ARG C 127 -23.57 -8.99 -6.51
N LEU C 128 -23.04 -8.60 -7.65
CA LEU C 128 -21.80 -9.18 -8.22
C LEU C 128 -20.68 -9.08 -7.18
N SER C 129 -20.07 -10.22 -6.84
CA SER C 129 -19.08 -10.36 -5.74
C SER C 129 -17.74 -10.84 -6.30
N GLY C 130 -16.64 -10.25 -5.82
CA GLY C 130 -15.29 -10.84 -5.83
C GLY C 130 -14.70 -10.91 -7.23
N ILE C 131 -15.15 -10.04 -8.14
CA ILE C 131 -14.56 -9.91 -9.50
C ILE C 131 -13.19 -9.23 -9.37
N VAL C 132 -12.20 -9.73 -10.13
CA VAL C 132 -10.79 -9.25 -10.11
C VAL C 132 -10.38 -8.88 -11.54
N PHE C 133 -9.87 -7.66 -11.74
CA PHE C 133 -9.17 -7.21 -12.96
C PHE C 133 -7.74 -6.90 -12.55
N LYS C 134 -6.74 -7.58 -13.13
CA LYS C 134 -5.33 -7.33 -12.75
C LYS C 134 -4.38 -7.55 -13.93
N ASP C 135 -3.29 -6.78 -13.92
CA ASP C 135 -2.05 -7.05 -14.67
C ASP C 135 -2.28 -7.03 -16.18
N PHE C 136 -3.23 -6.24 -16.68
CA PHE C 136 -3.32 -5.99 -18.14
C PHE C 136 -3.54 -4.50 -18.42
N CYS C 137 -3.45 -4.16 -19.70
CA CYS C 137 -3.47 -2.79 -20.26
C CYS C 137 -4.78 -2.57 -21.04
N LEU C 138 -5.49 -1.48 -20.75
CA LEU C 138 -6.65 -1.04 -21.56
C LEU C 138 -6.28 0.29 -22.22
N ASP C 139 -6.16 0.25 -23.55
CA ASP C 139 -5.59 1.30 -24.41
C ASP C 139 -6.67 1.73 -25.41
N GLY C 140 -7.17 2.95 -25.30
CA GLY C 140 -8.19 3.51 -26.22
C GLY C 140 -7.59 3.98 -27.54
N VAL C 141 -6.27 3.85 -27.71
CA VAL C 141 -5.51 3.93 -29.00
C VAL C 141 -5.32 5.40 -29.43
N SER C 142 -6.39 6.18 -29.59
CA SER C 142 -6.34 7.59 -30.04
C SER C 142 -7.42 8.44 -29.36
N PHE C 143 -7.10 9.72 -29.15
CA PHE C 143 -8.10 10.77 -28.86
C PHE C 143 -8.40 11.49 -30.17
N VAL C 144 -9.62 11.98 -30.33
CA VAL C 144 -10.10 12.62 -31.60
C VAL C 144 -10.66 13.99 -31.24
N PRO C 145 -10.52 14.99 -32.15
CA PRO C 145 -9.90 14.79 -33.46
C PRO C 145 -8.36 14.72 -33.48
N ASP C 146 -7.70 15.04 -32.37
CA ASP C 146 -6.23 14.85 -32.21
C ASP C 146 -5.95 14.29 -30.81
N GLY C 147 -4.69 13.96 -30.54
CA GLY C 147 -4.23 13.25 -29.34
C GLY C 147 -4.42 14.06 -28.06
N ASN C 148 -4.65 15.38 -28.16
CA ASN C 148 -4.64 16.29 -27.00
C ASN C 148 -6.08 16.64 -26.55
N SER C 149 -7.10 16.06 -27.16
CA SER C 149 -8.53 16.35 -26.87
C SER C 149 -9.01 15.64 -25.60
N TYR C 150 -8.39 14.50 -25.25
CA TYR C 150 -8.84 13.60 -24.15
C TYR C 150 -10.29 13.14 -24.40
N LYS C 151 -10.69 13.01 -25.67
CA LYS C 151 -12.05 12.59 -26.09
C LYS C 151 -11.97 11.41 -27.04
N ASN C 152 -12.77 10.35 -26.80
CA ASN C 152 -13.00 9.25 -27.76
C ASN C 152 -14.28 8.47 -27.42
N GLY C 153 -14.98 8.81 -26.33
CA GLY C 153 -16.22 8.14 -25.90
C GLY C 153 -16.01 6.74 -25.35
N LYS C 154 -14.77 6.28 -25.16
CA LYS C 154 -14.45 4.91 -24.71
C LYS C 154 -14.28 4.86 -23.19
N THR C 155 -14.75 3.77 -22.57
CA THR C 155 -14.49 3.42 -21.15
C THR C 155 -13.69 2.11 -21.10
N GLY C 156 -12.74 2.01 -20.16
CA GLY C 156 -12.04 0.74 -19.89
C GLY C 156 -12.97 -0.24 -19.21
N ILE C 157 -13.29 0.02 -17.94
CA ILE C 157 -14.14 -0.87 -17.09
C ILE C 157 -15.26 -0.03 -16.51
N ASP C 158 -16.51 -0.46 -16.70
CA ASP C 158 -17.72 0.20 -16.17
C ASP C 158 -18.50 -0.82 -15.35
N VAL C 159 -18.47 -0.69 -14.02
CA VAL C 159 -19.28 -1.50 -13.08
C VAL C 159 -20.59 -0.73 -12.84
N ALA C 160 -21.68 -1.21 -13.45
CA ALA C 160 -22.96 -0.50 -13.58
C ALA C 160 -24.02 -1.08 -12.65
N SER C 161 -23.72 -2.12 -11.87
CA SER C 161 -24.65 -2.67 -10.84
C SER C 161 -23.92 -2.84 -9.51
N ASP C 162 -24.69 -2.87 -8.41
CA ASP C 162 -24.18 -2.90 -7.02
C ASP C 162 -23.23 -4.10 -6.87
N ASN C 163 -22.12 -3.90 -6.17
CA ASN C 163 -21.00 -4.89 -6.17
C ASN C 163 -20.38 -4.95 -4.78
N ASP C 164 -19.76 -6.08 -4.50
CA ASP C 164 -19.09 -6.36 -3.21
C ASP C 164 -17.71 -6.94 -3.52
N SER C 165 -16.66 -6.40 -2.88
CA SER C 165 -15.32 -7.04 -2.81
C SER C 165 -14.70 -7.18 -4.22
N ILE C 166 -14.90 -6.21 -5.11
CA ILE C 166 -14.19 -6.16 -6.43
C ILE C 166 -12.75 -5.70 -6.16
N HIS C 167 -11.79 -6.20 -6.94
CA HIS C 167 -10.34 -5.93 -6.77
C HIS C 167 -9.74 -5.57 -8.13
N ILE C 168 -9.29 -4.31 -8.28
CA ILE C 168 -8.63 -3.75 -9.50
C ILE C 168 -7.18 -3.43 -9.10
N THR C 169 -6.21 -4.18 -9.62
CA THR C 169 -4.79 -4.07 -9.18
C THR C 169 -3.84 -4.37 -10.35
N GLY C 170 -2.70 -3.70 -10.37
CA GLY C 170 -1.61 -3.91 -11.34
C GLY C 170 -2.06 -3.61 -12.77
N MET C 171 -3.13 -2.82 -12.94
CA MET C 171 -3.69 -2.50 -14.29
C MET C 171 -2.88 -1.35 -14.91
N GLY C 172 -2.94 -1.25 -16.23
CA GLY C 172 -2.55 -0.04 -16.98
C GLY C 172 -3.75 0.46 -17.76
N PHE C 173 -4.10 1.74 -17.62
CA PHE C 173 -5.16 2.41 -18.42
C PHE C 173 -4.54 3.61 -19.14
N VAL C 174 -4.74 3.72 -20.45
CA VAL C 174 -4.19 4.86 -21.24
C VAL C 174 -5.14 5.21 -22.39
N TYR C 175 -5.28 6.51 -22.66
CA TYR C 175 -6.01 7.07 -23.85
C TYR C 175 -7.44 6.54 -23.89
N LEU C 176 -8.08 6.44 -22.72
CA LEU C 176 -9.55 6.23 -22.58
C LEU C 176 -10.16 7.54 -22.07
N GLU C 177 -11.34 7.91 -22.56
CA GLU C 177 -12.07 9.08 -22.00
C GLU C 177 -12.47 8.78 -20.55
N HIS C 178 -12.81 7.52 -20.26
CA HIS C 178 -13.04 7.00 -18.89
C HIS C 178 -12.28 5.68 -18.70
N ALA C 179 -11.32 5.64 -17.78
CA ALA C 179 -10.58 4.40 -17.47
C ALA C 179 -11.50 3.45 -16.71
N LEU C 180 -11.84 3.81 -15.48
CA LEU C 180 -12.55 2.94 -14.50
C LEU C 180 -13.75 3.69 -13.92
N ILE C 181 -14.92 3.09 -13.98
CA ILE C 181 -16.16 3.59 -13.34
C ILE C 181 -16.72 2.45 -12.49
N VAL C 182 -16.93 2.69 -11.20
CA VAL C 182 -17.57 1.69 -10.30
C VAL C 182 -18.73 2.38 -9.58
N ARG C 183 -19.96 1.92 -9.87
CA ARG C 183 -21.20 2.46 -9.28
C ARG C 183 -21.64 1.53 -8.14
N GLY C 184 -21.97 2.09 -6.98
CA GLY C 184 -22.48 1.31 -5.84
C GLY C 184 -21.42 0.37 -5.29
N ALA C 185 -20.21 0.88 -5.11
CA ALA C 185 -19.03 0.10 -4.65
C ALA C 185 -19.15 -0.16 -3.14
N ASP C 186 -19.21 -1.43 -2.74
CA ASP C 186 -19.00 -1.89 -1.36
C ASP C 186 -17.70 -2.68 -1.31
N ALA C 187 -16.80 -2.34 -0.38
CA ALA C 187 -15.57 -3.10 -0.09
C ALA C 187 -14.75 -3.24 -1.38
N LEU C 188 -14.72 -2.18 -2.20
CA LEU C 188 -13.90 -2.11 -3.44
C LEU C 188 -12.45 -1.79 -3.05
N ARG C 189 -11.50 -2.35 -3.79
CA ARG C 189 -10.07 -1.99 -3.67
C ARG C 189 -9.57 -1.64 -5.06
N VAL C 190 -9.14 -0.40 -5.23
CA VAL C 190 -8.45 0.08 -6.45
C VAL C 190 -7.00 0.35 -6.04
N HIS C 191 -6.11 -0.58 -6.35
CA HIS C 191 -4.80 -0.71 -5.67
C HIS C 191 -3.66 -0.89 -6.67
N ASP C 192 -2.63 -0.07 -6.55
CA ASP C 192 -1.36 -0.25 -7.29
C ASP C 192 -1.68 -0.38 -8.78
N ASN C 193 -2.35 0.61 -9.35
CA ASN C 193 -2.64 0.72 -10.80
C ASN C 193 -1.92 1.94 -11.38
N MET C 194 -1.71 1.91 -12.69
CA MET C 194 -1.24 3.03 -13.54
C MET C 194 -2.46 3.51 -14.33
N VAL C 195 -3.02 4.65 -13.98
CA VAL C 195 -4.23 5.21 -14.64
C VAL C 195 -3.89 6.62 -15.13
N ALA C 196 -3.37 6.75 -16.36
CA ALA C 196 -2.78 8.01 -16.85
C ALA C 196 -3.12 8.28 -18.31
N GLU C 197 -3.13 9.56 -18.69
CA GLU C 197 -3.44 10.04 -20.06
C GLU C 197 -4.83 9.52 -20.44
N CYS C 198 -5.75 9.54 -19.47
CA CYS C 198 -7.19 9.27 -19.67
C CYS C 198 -7.95 10.56 -19.37
N GLY C 199 -9.07 10.79 -20.05
CA GLY C 199 -9.92 11.98 -19.77
C GLY C 199 -10.33 11.97 -18.33
N ASN C 200 -10.74 10.80 -17.85
CA ASN C 200 -11.17 10.53 -16.45
C ASN C 200 -10.46 9.23 -16.02
N CYS C 201 -10.05 9.15 -14.75
CA CYS C 201 -9.25 8.00 -14.25
C CYS C 201 -10.15 7.05 -13.46
N VAL C 202 -10.62 7.45 -12.28
CA VAL C 202 -11.43 6.57 -11.40
C VAL C 202 -12.67 7.34 -10.92
N GLU C 203 -13.86 6.90 -11.35
CA GLU C 203 -15.15 7.52 -10.97
C GLU C 203 -15.94 6.51 -10.12
N LEU C 204 -16.05 6.79 -8.82
CA LEU C 204 -16.81 5.93 -7.88
C LEU C 204 -18.18 6.59 -7.67
N THR C 205 -19.19 6.14 -8.43
CA THR C 205 -20.45 6.89 -8.67
C THR C 205 -21.59 6.31 -7.82
N GLY C 206 -22.67 7.11 -7.68
CA GLY C 206 -23.95 6.73 -7.07
C GLY C 206 -23.85 6.75 -5.56
N ALA C 207 -23.12 5.79 -5.00
CA ALA C 207 -22.85 5.66 -3.56
C ALA C 207 -21.82 4.55 -3.37
N GLY C 208 -21.30 4.40 -2.16
CA GLY C 208 -20.38 3.31 -1.80
C GLY C 208 -20.01 3.34 -0.33
N GLN C 209 -19.41 2.24 0.13
CA GLN C 209 -19.01 1.99 1.53
C GLN C 209 -17.66 1.28 1.51
N ALA C 210 -16.85 1.46 2.58
CA ALA C 210 -15.73 0.60 2.98
C ALA C 210 -14.77 0.36 1.82
N THR C 211 -14.48 1.39 1.03
CA THR C 211 -13.63 1.30 -0.19
C THR C 211 -12.22 1.80 0.12
N ILE C 212 -11.20 1.23 -0.53
CA ILE C 212 -9.79 1.71 -0.45
C ILE C 212 -9.28 2.04 -1.85
N VAL C 213 -8.79 3.26 -2.05
CA VAL C 213 -8.02 3.64 -3.26
C VAL C 213 -6.58 3.92 -2.80
N SER C 214 -5.63 3.03 -3.14
CA SER C 214 -4.27 3.09 -2.56
C SER C 214 -3.20 2.76 -3.61
N ASP C 215 -2.06 3.46 -3.50
CA ASP C 215 -0.77 3.09 -4.14
C ASP C 215 -0.87 3.24 -5.67
N ASN C 216 -1.82 4.06 -6.16
CA ASN C 216 -2.04 4.32 -7.61
C ASN C 216 -1.23 5.54 -8.08
N LEU C 217 -0.78 5.48 -9.33
CA LEU C 217 -0.33 6.62 -10.15
C LEU C 217 -1.51 7.04 -11.03
N MET C 218 -1.96 8.29 -10.94
CA MET C 218 -3.11 8.76 -11.73
C MET C 218 -2.85 10.15 -12.32
N GLY C 219 -3.06 10.29 -13.64
CA GLY C 219 -3.09 11.57 -14.36
C GLY C 219 -4.23 11.60 -15.36
N ALA C 220 -5.14 12.58 -15.23
CA ALA C 220 -6.35 12.70 -16.07
C ALA C 220 -6.18 13.85 -17.08
N GLY C 221 -7.30 14.41 -17.58
CA GLY C 221 -7.32 15.49 -18.59
C GLY C 221 -8.16 16.67 -18.12
N PRO C 222 -7.98 17.87 -18.73
CA PRO C 222 -8.48 19.14 -18.17
C PRO C 222 -10.01 19.26 -18.03
N GLU C 223 -10.80 18.41 -18.68
CA GLU C 223 -12.28 18.43 -18.56
C GLU C 223 -12.77 17.29 -17.64
N GLY C 224 -11.87 16.41 -17.18
CA GLY C 224 -12.25 15.17 -16.47
C GLY C 224 -11.72 15.13 -15.05
N VAL C 225 -12.07 14.07 -14.32
CA VAL C 225 -11.68 13.87 -12.89
C VAL C 225 -10.53 12.85 -12.84
N THR C 226 -9.69 12.95 -11.82
CA THR C 226 -8.67 11.92 -11.52
C THR C 226 -9.36 10.88 -10.64
N LEU C 227 -9.56 11.16 -9.35
CA LEU C 227 -10.49 10.39 -8.47
C LEU C 227 -11.75 11.23 -8.22
N LEU C 228 -12.92 10.66 -8.52
CA LEU C 228 -14.25 11.18 -8.12
C LEU C 228 -14.93 10.15 -7.22
N ALA C 229 -15.57 10.60 -6.14
CA ALA C 229 -16.47 9.77 -5.33
C ALA C 229 -17.78 10.52 -5.15
N GLU C 230 -18.91 9.84 -5.39
CA GLU C 230 -20.26 10.41 -5.15
C GLU C 230 -20.88 9.66 -3.97
N ASN C 231 -21.24 10.37 -2.90
CA ASN C 231 -22.06 9.81 -1.79
C ASN C 231 -21.36 8.58 -1.20
N HIS C 232 -20.04 8.64 -1.06
CA HIS C 232 -19.27 7.55 -0.41
C HIS C 232 -19.21 7.81 1.09
N GLU C 233 -19.29 6.74 1.87
CA GLU C 233 -18.97 6.72 3.32
C GLU C 233 -17.78 5.79 3.54
N GLY C 234 -16.80 6.21 4.35
CA GLY C 234 -15.70 5.34 4.79
C GLY C 234 -14.76 4.99 3.64
N LEU C 235 -14.73 5.83 2.61
CA LEU C 235 -13.70 5.78 1.54
C LEU C 235 -12.36 6.19 2.14
N LEU C 236 -11.33 5.35 1.97
CA LEU C 236 -9.92 5.63 2.37
C LEU C 236 -9.11 5.80 1.08
N VAL C 237 -8.50 6.98 0.92
CA VAL C 237 -7.63 7.35 -0.23
C VAL C 237 -6.24 7.58 0.37
N THR C 238 -5.29 6.69 0.10
CA THR C 238 -3.96 6.72 0.78
C THR C 238 -2.88 6.20 -0.18
N GLY C 239 -1.70 6.82 -0.13
CA GLY C 239 -0.49 6.33 -0.79
C GLY C 239 -0.52 6.53 -2.30
N ASN C 240 -1.44 7.36 -2.80
CA ASN C 240 -1.61 7.63 -4.25
C ASN C 240 -0.71 8.79 -4.66
N ASN C 241 -0.26 8.76 -5.91
CA ASN C 241 0.52 9.84 -6.55
C ASN C 241 -0.32 10.36 -7.71
N PHE C 242 -1.07 11.43 -7.44
CA PHE C 242 -1.93 12.15 -8.41
C PHE C 242 -1.09 13.27 -9.05
N PHE C 243 -0.96 13.23 -10.38
CA PHE C 243 -0.24 14.25 -11.18
C PHE C 243 -1.23 14.81 -12.21
N PRO C 244 -0.88 15.87 -12.97
CA PRO C 244 -1.83 16.52 -13.91
C PRO C 244 -2.30 15.59 -15.02
N ARG C 245 -3.32 15.98 -15.79
CA ARG C 245 -3.86 17.34 -15.81
C ARG C 245 -5.39 17.30 -15.73
N GLY C 246 -5.94 16.56 -14.78
CA GLY C 246 -7.39 16.55 -14.50
C GLY C 246 -7.88 17.93 -14.12
N ARG C 247 -9.18 18.19 -14.30
CA ARG C 247 -9.84 19.42 -13.84
C ARG C 247 -9.62 19.50 -12.32
N SER C 248 -9.62 18.33 -11.68
CA SER C 248 -9.33 18.12 -10.24
C SER C 248 -8.49 16.85 -10.11
N LEU C 249 -7.86 16.66 -8.95
CA LEU C 249 -7.11 15.43 -8.58
C LEU C 249 -7.96 14.59 -7.61
N LEU C 250 -8.65 15.24 -6.67
CA LEU C 250 -9.62 14.54 -5.79
C LEU C 250 -10.89 15.39 -5.74
N GLU C 251 -12.00 14.78 -6.12
CA GLU C 251 -13.32 15.44 -6.17
C GLU C 251 -14.33 14.54 -5.46
N PHE C 252 -14.79 14.98 -4.30
CA PHE C 252 -15.89 14.36 -3.52
C PHE C 252 -17.14 15.22 -3.65
N THR C 253 -18.29 14.59 -3.91
CA THR C 253 -19.62 15.24 -3.77
C THR C 253 -20.45 14.43 -2.77
N GLY C 254 -20.90 15.08 -1.69
CA GLY C 254 -21.76 14.45 -0.66
C GLY C 254 -21.11 13.25 -0.02
N CYS C 255 -19.78 13.25 0.10
CA CYS C 255 -18.99 12.19 0.77
C CYS C 255 -18.83 12.56 2.23
N ASN C 256 -19.11 11.60 3.12
CA ASN C 256 -19.10 11.82 4.58
C ASN C 256 -18.21 10.77 5.24
N ARG C 257 -17.43 11.17 6.23
CA ARG C 257 -16.66 10.25 7.11
C ARG C 257 -15.73 9.43 6.21
N CYS C 258 -15.07 10.11 5.27
CA CYS C 258 -13.99 9.60 4.39
C CYS C 258 -12.65 10.19 4.85
N SER C 259 -11.55 9.62 4.35
CA SER C 259 -10.16 9.96 4.75
C SER C 259 -9.25 10.00 3.53
N VAL C 260 -8.54 11.11 3.35
CA VAL C 260 -7.52 11.35 2.30
C VAL C 260 -6.21 11.63 3.04
N THR C 261 -5.32 10.64 3.13
CA THR C 261 -4.08 10.73 3.94
C THR C 261 -2.93 10.10 3.18
N SER C 262 -1.74 10.70 3.29
CA SER C 262 -0.42 10.16 2.83
C SER C 262 -0.40 10.05 1.30
N ASN C 263 -0.93 11.07 0.62
CA ASN C 263 -0.97 11.13 -0.87
C ASN C 263 -0.03 12.26 -1.33
N ARG C 264 0.38 12.20 -2.60
CA ARG C 264 1.09 13.27 -3.34
C ARG C 264 0.13 13.81 -4.40
N PHE C 265 -0.12 15.13 -4.38
CA PHE C 265 -0.99 15.86 -5.35
C PHE C 265 -0.19 16.95 -6.06
N GLN C 266 -0.09 16.85 -7.39
CA GLN C 266 0.51 17.88 -8.27
C GLN C 266 -0.54 18.24 -9.33
N GLY C 267 -0.93 19.50 -9.38
CA GLY C 267 -1.90 20.01 -10.38
C GLY C 267 -1.41 21.31 -11.01
N PHE C 268 -1.93 21.63 -12.19
CA PHE C 268 -1.57 22.84 -12.97
C PHE C 268 -2.75 23.84 -13.00
N TYR C 269 -3.86 23.54 -12.31
CA TYR C 269 -5.09 24.38 -12.26
C TYR C 269 -5.53 24.58 -10.82
N PRO C 270 -6.30 25.64 -10.53
CA PRO C 270 -7.03 25.73 -9.26
C PRO C 270 -7.98 24.53 -9.09
N GLY C 271 -8.47 24.31 -7.86
CA GLY C 271 -9.47 23.27 -7.56
C GLY C 271 -8.92 21.87 -7.69
N MET C 272 -7.67 21.65 -7.27
CA MET C 272 -7.02 20.32 -7.26
C MET C 272 -7.81 19.35 -6.38
N MET C 273 -8.30 19.81 -5.24
CA MET C 273 -9.14 19.00 -4.32
C MET C 273 -10.44 19.75 -4.07
N ARG C 274 -11.57 19.09 -4.29
CA ARG C 274 -12.93 19.67 -4.12
C ARG C 274 -13.73 18.75 -3.22
N LEU C 275 -14.13 19.25 -2.06
CA LEU C 275 -15.16 18.62 -1.19
C LEU C 275 -16.46 19.40 -1.39
N LEU C 276 -17.36 18.88 -2.25
CA LEU C 276 -18.51 19.63 -2.81
C LEU C 276 -19.83 19.11 -2.22
N ASN C 277 -20.83 20.01 -2.16
CA ASN C 277 -22.26 19.66 -1.91
C ASN C 277 -22.40 18.97 -0.55
N GLY C 278 -21.83 19.58 0.50
CA GLY C 278 -22.02 19.18 1.92
C GLY C 278 -21.23 17.94 2.32
N CYS C 279 -19.97 17.83 1.90
CA CYS C 279 -19.02 16.80 2.40
C CYS C 279 -18.77 17.04 3.90
N LYS C 280 -19.11 16.07 4.76
CA LYS C 280 -19.05 16.22 6.24
C LYS C 280 -18.04 15.25 6.87
N GLU C 281 -17.34 15.70 7.90
CA GLU C 281 -16.63 14.83 8.87
C GLU C 281 -15.55 14.02 8.15
N ASN C 282 -14.86 14.62 7.17
CA ASN C 282 -13.75 13.97 6.42
C ASN C 282 -12.40 14.40 6.99
N LEU C 283 -11.42 13.50 6.94
CA LEU C 283 -10.02 13.77 7.36
C LEU C 283 -9.20 14.01 6.09
N ILE C 284 -8.56 15.17 6.00
CA ILE C 284 -7.60 15.55 4.91
C ILE C 284 -6.28 15.88 5.59
N THR C 285 -5.35 14.92 5.69
CA THR C 285 -4.16 15.10 6.56
C THR C 285 -2.95 14.39 5.95
N SER C 286 -1.75 14.87 6.28
CA SER C 286 -0.46 14.25 5.86
C SER C 286 -0.41 14.10 4.34
N ASN C 287 -0.94 15.09 3.60
CA ASN C 287 -0.87 15.14 2.12
C ASN C 287 0.11 16.24 1.68
N HIS C 288 0.78 16.02 0.56
CA HIS C 288 1.62 17.02 -0.14
C HIS C 288 0.84 17.54 -1.35
N PHE C 289 0.58 18.86 -1.39
CA PHE C 289 -0.09 19.56 -2.52
C PHE C 289 0.93 20.44 -3.24
N ARG C 290 1.03 20.28 -4.55
CA ARG C 290 1.87 21.14 -5.42
C ARG C 290 0.99 21.75 -6.52
N ARG C 291 0.77 23.05 -6.47
CA ARG C 291 0.12 23.79 -7.59
C ARG C 291 1.23 24.43 -8.41
N GLY C 292 1.38 24.00 -9.67
CA GLY C 292 2.35 24.55 -10.63
C GLY C 292 1.64 25.10 -11.84
N THR C 293 2.37 25.38 -12.91
CA THR C 293 1.82 25.72 -14.25
C THR C 293 2.30 24.70 -15.26
N GLU C 294 1.50 24.48 -16.30
CA GLU C 294 1.79 23.53 -17.39
C GLU C 294 3.18 23.85 -17.96
N GLY C 295 4.03 22.83 -18.13
CA GLY C 295 5.34 22.90 -18.79
C GLY C 295 5.34 22.25 -20.16
N PHE C 296 4.46 21.28 -20.40
CA PHE C 296 4.41 20.54 -21.69
C PHE C 296 3.76 21.44 -22.75
N PRO C 297 4.55 21.96 -23.74
CA PRO C 297 4.07 23.00 -24.65
C PRO C 297 2.70 22.79 -25.26
N PRO C 298 2.33 21.57 -25.74
CA PRO C 298 1.02 21.35 -26.35
C PRO C 298 -0.20 21.75 -25.49
N PHE C 299 -0.02 21.87 -24.17
CA PHE C 299 -1.13 22.08 -23.22
C PHE C 299 -1.01 23.43 -22.50
N ILE C 300 0.00 24.25 -22.83
CA ILE C 300 0.35 25.49 -22.07
C ILE C 300 -0.88 26.38 -21.90
N ASP C 301 -1.75 26.47 -22.92
CA ASP C 301 -2.89 27.40 -22.89
C ASP C 301 -4.14 26.72 -22.35
N ARG C 302 -4.12 25.42 -22.07
CA ARG C 302 -5.29 24.68 -21.54
C ARG C 302 -5.56 25.14 -20.10
N THR C 303 -6.83 25.29 -19.75
CA THR C 303 -7.31 25.61 -18.37
C THR C 303 -8.51 24.73 -18.03
N ASN C 304 -8.91 24.72 -16.75
CA ASN C 304 -10.13 24.02 -16.26
C ASN C 304 -11.22 25.05 -15.97
N GLY C 305 -10.96 26.34 -16.28
CA GLY C 305 -11.95 27.43 -16.25
C GLY C 305 -12.08 28.09 -14.88
N LEU C 306 -11.36 27.64 -13.86
CA LEU C 306 -11.46 28.22 -12.49
C LEU C 306 -10.35 29.26 -12.30
N ASP C 307 -10.55 30.20 -11.38
CA ASP C 307 -9.58 31.26 -11.03
C ASP C 307 -8.83 30.82 -9.77
N ASP C 308 -7.81 31.58 -9.36
CA ASP C 308 -6.88 31.22 -8.27
C ASP C 308 -7.49 31.50 -6.90
N LEU C 309 -8.68 32.10 -6.85
CA LEU C 309 -9.47 32.31 -5.60
C LEU C 309 -10.37 31.10 -5.30
N TYR C 310 -10.48 30.13 -6.22
CA TYR C 310 -11.30 28.90 -6.01
C TYR C 310 -10.70 28.05 -4.87
N GLY C 311 -9.37 28.03 -4.78
CA GLY C 311 -8.61 27.28 -3.76
C GLY C 311 -7.83 26.11 -4.36
N VAL C 312 -6.70 25.76 -3.74
CA VAL C 312 -6.02 24.45 -3.99
C VAL C 312 -6.95 23.38 -3.44
N ILE C 313 -7.43 23.58 -2.21
CA ILE C 313 -8.59 22.85 -1.62
C ILE C 313 -9.80 23.79 -1.61
N HIS C 314 -10.92 23.30 -2.12
CA HIS C 314 -12.24 23.96 -2.08
C HIS C 314 -13.19 23.05 -1.30
N ALA C 315 -13.60 23.48 -0.11
CA ALA C 315 -14.40 22.66 0.83
C ALA C 315 -15.75 23.34 1.08
N MET C 316 -16.83 22.61 0.80
CA MET C 316 -18.22 23.01 1.14
C MET C 316 -18.86 21.89 1.97
N GLY C 317 -18.88 22.04 3.29
CA GLY C 317 -19.51 21.08 4.21
C GLY C 317 -19.05 21.30 5.64
N ASP C 318 -19.37 20.34 6.52
CA ASP C 318 -19.23 20.51 7.99
C ASP C 318 -18.10 19.63 8.53
N ASN C 319 -17.37 20.17 9.51
CA ASN C 319 -16.62 19.38 10.52
C ASN C 319 -15.53 18.55 9.84
N ASN C 320 -14.94 19.06 8.77
CA ASN C 320 -13.74 18.45 8.13
C ASN C 320 -12.51 18.92 8.90
N LEU C 321 -11.54 18.03 9.07
CA LEU C 321 -10.20 18.35 9.62
C LEU C 321 -9.20 18.38 8.46
N ILE C 322 -8.70 19.57 8.12
CA ILE C 322 -7.65 19.80 7.08
C ILE C 322 -6.40 20.21 7.84
N SER C 323 -5.47 19.28 8.04
CA SER C 323 -4.36 19.41 9.00
C SER C 323 -3.11 18.75 8.43
N ASN C 324 -1.95 19.25 8.81
CA ASN C 324 -0.66 18.55 8.64
C ASN C 324 -0.42 18.30 7.15
N ASN C 325 -0.72 19.28 6.31
CA ASN C 325 -0.47 19.24 4.84
C ASN C 325 0.58 20.30 4.50
N LEU C 326 1.33 20.06 3.43
CA LEU C 326 2.24 21.05 2.81
C LEU C 326 1.64 21.44 1.46
N PHE C 327 1.57 22.75 1.20
CA PHE C 327 1.15 23.36 -0.08
C PHE C 327 2.32 24.15 -0.66
N ALA C 328 2.84 23.73 -1.81
CA ALA C 328 3.87 24.42 -2.61
C ALA C 328 3.21 25.02 -3.85
N TYR C 329 2.94 26.33 -3.82
CA TYR C 329 2.29 27.09 -4.93
C TYR C 329 3.35 27.88 -5.70
N ASP C 330 3.53 27.58 -6.98
CA ASP C 330 4.44 28.34 -7.87
C ASP C 330 3.77 28.55 -9.24
N VAL C 331 3.12 29.70 -9.42
CA VAL C 331 2.42 30.12 -10.67
C VAL C 331 2.92 31.50 -11.06
N PRO C 332 3.52 31.68 -12.26
CA PRO C 332 3.96 33.00 -12.71
C PRO C 332 2.81 33.99 -12.59
N PRO C 333 3.07 35.24 -12.12
CA PRO C 333 2.01 36.25 -11.98
C PRO C 333 1.20 36.44 -13.27
N GLY C 334 1.87 36.32 -14.42
CA GLY C 334 1.28 36.44 -15.77
C GLY C 334 0.25 35.36 -16.05
N LYS C 335 0.21 34.29 -15.24
CA LYS C 335 -0.67 33.11 -15.42
C LYS C 335 -1.72 33.03 -14.30
N ILE C 336 -1.72 33.98 -13.36
CA ILE C 336 -2.71 34.02 -12.25
C ILE C 336 -3.99 34.69 -12.78
N ALA C 337 -5.15 34.17 -12.40
CA ALA C 337 -6.48 34.70 -12.77
C ALA C 337 -7.32 34.89 -11.51
N PRO C 338 -8.00 36.05 -11.34
CA PRO C 338 -7.79 37.24 -12.17
C PRO C 338 -6.39 37.84 -11.96
N ALA C 339 -5.88 38.52 -13.00
CA ALA C 339 -4.58 39.23 -13.00
C ALA C 339 -4.47 40.07 -11.73
N GLY C 340 -3.36 39.93 -11.01
CA GLY C 340 -3.03 40.72 -9.80
C GLY C 340 -3.67 40.14 -8.56
N ALA C 341 -4.42 39.05 -8.68
CA ALA C 341 -5.12 38.42 -7.53
C ALA C 341 -4.09 37.77 -6.60
N GLN C 342 -4.41 37.78 -5.31
CA GLN C 342 -3.73 36.99 -4.27
C GLN C 342 -4.36 35.59 -4.31
N PRO C 343 -3.65 34.55 -4.77
CA PRO C 343 -4.19 33.18 -4.76
C PRO C 343 -4.60 32.72 -3.36
N THR C 344 -5.66 31.91 -3.30
CA THR C 344 -6.17 31.22 -2.08
C THR C 344 -5.70 29.77 -2.11
N ILE C 345 -5.12 29.29 -1.01
CA ILE C 345 -4.68 27.88 -0.86
C ILE C 345 -5.89 27.03 -0.41
N MET C 346 -6.43 27.28 0.79
CA MET C 346 -7.60 26.54 1.31
C MET C 346 -8.79 27.50 1.39
N LEU C 347 -9.84 27.24 0.61
CA LEU C 347 -11.12 27.99 0.68
C LEU C 347 -12.16 27.14 1.40
N ILE C 348 -12.65 27.63 2.53
CA ILE C 348 -13.88 27.10 3.19
C ILE C 348 -15.06 27.90 2.64
N ALA C 349 -15.71 27.37 1.60
CA ALA C 349 -16.79 28.02 0.83
C ALA C 349 -18.05 28.11 1.70
N GLY C 350 -18.18 27.24 2.70
CA GLY C 350 -19.28 27.31 3.69
C GLY C 350 -19.29 26.09 4.59
N GLY C 351 -20.16 26.10 5.61
CA GLY C 351 -20.39 24.98 6.52
C GLY C 351 -19.90 25.25 7.93
N ASP C 352 -20.12 24.29 8.81
CA ASP C 352 -20.01 24.45 10.28
C ASP C 352 -18.88 23.54 10.83
N GLY C 353 -18.00 24.12 11.65
CA GLY C 353 -17.06 23.38 12.53
C GLY C 353 -15.80 22.90 11.82
N ASN C 354 -15.48 23.41 10.62
CA ASN C 354 -14.26 23.00 9.89
C ASN C 354 -13.03 23.47 10.66
N VAL C 355 -12.03 22.60 10.77
CA VAL C 355 -10.78 22.85 11.52
C VAL C 355 -9.60 22.74 10.55
N ILE C 356 -8.83 23.81 10.41
CA ILE C 356 -7.61 23.91 9.57
C ILE C 356 -6.43 24.05 10.53
N ALA C 357 -5.52 23.06 10.58
CA ALA C 357 -4.49 23.00 11.65
C ALA C 357 -3.14 22.56 11.08
N THR C 358 -2.07 23.30 11.41
CA THR C 358 -0.67 22.87 11.19
C THR C 358 -0.43 22.62 9.70
N ASN C 359 -0.72 23.61 8.86
CA ASN C 359 -0.51 23.52 7.39
C ASN C 359 0.62 24.48 7.01
N HIS C 360 1.59 24.02 6.23
CA HIS C 360 2.73 24.83 5.74
C HIS C 360 2.53 25.20 4.28
N VAL C 361 2.48 26.50 3.98
CA VAL C 361 2.30 27.04 2.60
C VAL C 361 3.60 27.76 2.18
N ILE C 362 4.14 27.40 1.02
CA ILE C 362 5.13 28.21 0.27
C ILE C 362 4.43 28.70 -0.99
N SER C 363 4.51 30.00 -1.27
CA SER C 363 4.00 30.60 -2.53
C SER C 363 5.01 31.61 -3.08
N ASN C 364 5.14 31.66 -4.42
CA ASN C 364 6.07 32.56 -5.15
C ASN C 364 5.53 34.01 -5.10
N VAL C 365 4.23 34.17 -4.85
CA VAL C 365 3.56 35.49 -4.71
C VAL C 365 2.82 35.49 -3.37
N ASP C 366 2.34 36.67 -2.95
CA ASP C 366 1.49 36.82 -1.74
C ASP C 366 0.22 36.00 -1.94
N THR C 367 -0.09 35.11 -1.00
CA THR C 367 -1.30 34.24 -1.03
C THR C 367 -2.02 34.32 0.31
N GLN C 368 -3.33 34.07 0.30
CA GLN C 368 -4.11 33.79 1.52
C GLN C 368 -4.09 32.26 1.72
N HIS C 369 -3.39 31.82 2.76
CA HIS C 369 -3.28 30.38 3.14
C HIS C 369 -4.68 29.84 3.35
N VAL C 370 -5.53 30.61 4.05
CA VAL C 370 -6.93 30.21 4.35
C VAL C 370 -7.86 31.40 4.13
N VAL C 371 -8.93 31.18 3.36
CA VAL C 371 -10.07 32.12 3.21
C VAL C 371 -11.30 31.36 3.69
N LEU C 372 -12.05 31.95 4.62
CA LEU C 372 -13.35 31.43 5.11
C LEU C 372 -14.47 32.36 4.63
N ASP C 373 -15.43 31.79 3.91
CA ASP C 373 -16.67 32.45 3.44
C ASP C 373 -17.43 33.05 4.62
N GLY C 374 -18.17 34.13 4.38
CA GLY C 374 -19.03 34.79 5.39
C GLY C 374 -20.03 33.83 6.01
N SER C 375 -20.49 32.82 5.27
CA SER C 375 -21.49 31.82 5.73
C SER C 375 -20.88 30.78 6.71
N ALA C 376 -19.55 30.64 6.77
CA ALA C 376 -18.86 29.61 7.59
C ALA C 376 -19.10 29.89 9.07
N THR C 377 -19.34 28.85 9.88
CA THR C 377 -19.60 28.99 11.34
C THR C 377 -18.65 28.08 12.12
N ARG C 378 -18.21 28.55 13.29
CA ARG C 378 -17.47 27.77 14.33
C ARG C 378 -16.23 27.13 13.70
N SER C 379 -15.60 27.84 12.76
CA SER C 379 -14.34 27.44 12.08
C SER C 379 -13.14 27.68 13.00
N LYS C 380 -12.12 26.83 12.89
CA LYS C 380 -10.85 26.95 13.64
C LYS C 380 -9.71 26.99 12.61
N VAL C 381 -8.85 28.00 12.66
CA VAL C 381 -7.60 28.07 11.85
C VAL C 381 -6.41 28.19 12.81
N LEU C 382 -5.58 27.14 12.84
CA LEU C 382 -4.44 27.01 13.79
C LEU C 382 -3.16 26.79 12.98
N ASP C 383 -2.15 27.64 13.20
CA ASP C 383 -0.77 27.35 12.73
C ASP C 383 -0.78 27.00 11.23
N SER C 384 -1.57 27.74 10.44
CA SER C 384 -1.63 27.58 8.97
C SER C 384 -1.25 28.90 8.27
N GLY C 385 -0.54 29.79 8.97
CA GLY C 385 0.03 31.04 8.43
C GLY C 385 0.02 32.18 9.44
N ALA C 386 0.83 33.21 9.23
CA ALA C 386 0.72 34.53 9.91
C ALA C 386 -0.70 35.09 9.70
N ALA C 387 -1.13 35.99 10.58
CA ALA C 387 -2.46 36.63 10.57
C ALA C 387 -2.75 37.22 9.18
N SER C 388 -1.74 37.80 8.53
CA SER C 388 -1.88 38.51 7.23
C SER C 388 -2.16 37.52 6.09
N THR C 389 -2.09 36.20 6.33
CA THR C 389 -2.35 35.15 5.31
C THR C 389 -3.68 34.43 5.58
N ILE C 390 -4.34 34.72 6.71
CA ILE C 390 -5.67 34.13 7.08
C ILE C 390 -6.74 35.22 6.91
N THR C 391 -7.75 34.96 6.08
CA THR C 391 -8.91 35.88 5.90
C THR C 391 -10.20 35.16 6.31
N SER C 392 -10.82 35.59 7.39
CA SER C 392 -12.18 35.12 7.77
C SER C 392 -13.17 36.25 7.51
N TYR C 393 -14.10 36.03 6.57
CA TYR C 393 -15.27 36.90 6.35
C TYR C 393 -16.36 36.49 7.36
N SER C 394 -16.25 35.29 7.93
CA SER C 394 -17.10 34.85 9.06
C SER C 394 -16.63 35.52 10.34
N PRO C 395 -17.54 36.08 11.16
CA PRO C 395 -17.13 36.76 12.39
C PRO C 395 -16.83 35.83 13.59
N ASP C 396 -17.11 34.53 13.50
CA ASP C 396 -17.00 33.62 14.68
C ASP C 396 -15.82 32.64 14.51
N THR C 397 -14.92 32.88 13.56
CA THR C 397 -13.74 32.01 13.31
C THR C 397 -12.68 32.28 14.40
N ALA C 398 -12.18 31.24 15.04
CA ALA C 398 -11.04 31.31 15.99
C ALA C 398 -9.76 31.10 15.18
N ILE C 399 -8.84 32.06 15.25
CA ILE C 399 -7.56 32.07 14.48
C ILE C 399 -6.38 32.14 15.46
N ARG C 400 -5.50 31.15 15.43
CA ARG C 400 -4.16 31.26 16.04
C ARG C 400 -3.15 31.39 14.90
N PRO C 401 -2.49 32.56 14.75
CA PRO C 401 -1.46 32.70 13.72
C PRO C 401 -0.28 31.78 14.05
N THR C 402 0.41 31.29 13.02
CA THR C 402 1.76 30.70 13.14
C THR C 402 2.64 31.69 13.92
N PRO C 403 3.27 31.27 15.04
CA PRO C 403 4.08 32.16 15.88
C PRO C 403 5.08 33.08 15.15
C1 GLC D . -24.21 -2.70 5.70
C2 GLC D . -24.44 -1.34 5.06
C3 GLC D . -25.81 -0.80 5.45
C4 GLC D . -26.81 -1.95 5.58
C5 GLC D . -26.39 -2.97 6.64
C6 GLC D . -26.72 -4.44 6.29
O2 GLC D . -23.40 -0.42 5.43
O3 GLC D . -26.20 0.15 4.46
O4 GLC D . -28.11 -1.47 5.91
O5 GLC D . -24.99 -2.87 6.88
O6 GLC D . -27.08 -4.67 4.92
C1 FRU D . -23.00 -5.31 6.22
C2 FRU D . -22.35 -4.32 5.23
C3 FRU D . -22.47 -4.76 3.77
C4 FRU D . -21.41 -3.90 3.06
C5 FRU D . -20.35 -3.72 4.15
C6 FRU D . -19.81 -2.29 4.24
O1 FRU D . -22.15 -6.38 6.58
O2 FRU D . -22.96 -3.04 5.42
O3 FRU D . -23.79 -4.59 3.25
O4 FRU D . -20.90 -4.52 1.86
O5 FRU D . -20.95 -4.11 5.40
O6 FRU D . -19.12 -2.09 5.48
C1 FRU D . -23.10 -8.24 7.54
C2 FRU D . -21.89 -7.27 7.55
C3 FRU D . -20.51 -7.92 7.52
C4 FRU D . -19.58 -6.89 8.13
C5 FRU D . -20.51 -6.02 9.00
C6 FRU D . -20.26 -4.52 8.76
O1 FRU D . -23.13 -9.07 8.70
O3 FRU D . -20.05 -8.26 6.21
O4 FRU D . -18.47 -7.46 8.87
O5 FRU D . -21.86 -6.41 8.70
O6 FRU D . -21.33 -3.68 9.24
C1 GLC E . 17.34 -8.66 15.49
C2 GLC E . 16.16 -8.36 16.41
C3 GLC E . 16.56 -8.64 17.86
C4 GLC E . 17.69 -9.68 17.95
C5 GLC E . 18.94 -9.29 17.14
C6 GLC E . 19.68 -10.43 16.44
O2 GLC E . 15.74 -7.02 16.22
O3 GLC E . 15.41 -9.11 18.55
O4 GLC E . 18.06 -9.83 19.32
O5 GLC E . 18.57 -8.34 16.15
O6 GLC E . 18.81 -11.42 15.85
C1 FRU E . 18.45 -9.24 12.73
C2 FRU E . 16.93 -9.16 12.96
C3 FRU E . 16.18 -10.45 12.67
C4 FRU E . 14.74 -9.99 12.64
C5 FRU E . 14.86 -8.62 11.95
C6 FRU E . 13.86 -7.57 12.46
O1 FRU E . 18.80 -9.01 11.37
O2 FRU E . 16.73 -8.77 14.31
O3 FRU E . 16.47 -11.46 13.63
O4 FRU E . 13.89 -10.91 11.92
O5 FRU E . 16.22 -8.19 12.16
O6 FRU E . 14.50 -6.28 12.60
C1 FRU E . 21.02 -9.46 10.80
C2 FRU E . 19.85 -8.45 10.76
C3 FRU E . 19.44 -8.04 9.35
C4 FRU E . 18.84 -6.65 9.52
C5 FRU E . 19.44 -6.12 10.83
C6 FRU E . 18.36 -5.49 11.71
O1 FRU E . 22.25 -8.85 10.39
O3 FRU E . 18.53 -8.97 8.74
O4 FRU E . 19.18 -5.80 8.40
O5 FRU E . 20.11 -7.23 11.47
O6 FRU E . 18.85 -5.05 12.99
C1 GLC F . 6.77 16.16 -20.11
C2 GLC F . 7.98 16.35 -20.98
C3 GLC F . 9.15 16.82 -20.13
C4 GLC F . 8.74 18.06 -19.32
C5 GLC F . 7.40 17.89 -18.61
C6 GLC F . 6.91 19.18 -17.94
O2 GLC F . 8.31 15.13 -21.67
O3 GLC F . 10.26 17.07 -20.98
O4 GLC F . 9.75 18.32 -18.35
O5 GLC F . 6.42 17.43 -19.54
O6 GLC F . 5.54 19.04 -17.51
C1 FRU F . 4.47 14.51 -19.43
C2 FRU F . 5.64 14.62 -18.46
C3 FRU F . 6.03 13.29 -17.81
C4 FRU F . 6.55 13.73 -16.45
C5 FRU F . 5.73 15.00 -16.14
C6 FRU F . 6.39 16.19 -15.43
O1 FRU F . 3.31 13.85 -18.92
O2 FRU F . 6.76 15.18 -19.18
O3 FRU F . 6.97 12.57 -18.61
O4 FRU F . 6.34 12.68 -15.52
O5 FRU F . 5.27 15.49 -17.40
O6 FRU F . 7.81 16.17 -15.49
C1 FRU F . 2.18 14.12 -20.98
C2 FRU F . 2.10 13.98 -19.45
C3 FRU F . 1.08 12.95 -18.97
C4 FRU F . 0.69 13.42 -17.58
C5 FRU F . 1.02 14.93 -17.59
C6 FRU F . 1.80 15.32 -16.34
O1 FRU F . 0.94 14.58 -21.50
O3 FRU F . 1.62 11.63 -18.92
O4 FRU F . -0.69 13.14 -17.27
O5 FRU F . 1.77 15.21 -18.78
O6 FRU F . 1.91 16.75 -16.19
C1 GLC G . 29.01 24.26 14.40
C2 GLC G . 29.55 25.61 14.85
C3 GLC G . 28.41 26.29 15.59
C4 GLC G . 27.30 26.64 14.60
C5 GLC G . 27.31 25.79 13.33
C6 GLC G . 27.92 26.59 12.16
O2 GLC G . 30.70 25.49 15.66
O3 GLC G . 28.85 27.47 16.23
O4 GLC G . 26.02 26.50 15.20
O5 GLC G . 27.91 24.49 13.50
O6 GLC G . 27.43 26.16 10.89
C1 FRU G . 29.23 21.12 14.40
C2 FRU G . 28.04 21.87 14.96
C3 FRU G . 27.50 21.25 16.25
C4 FRU G . 26.11 21.86 16.35
C5 FRU G . 25.69 21.89 14.89
C6 FRU G . 24.95 23.16 14.52
O1 FRU G . 29.06 19.70 14.47
O2 FRU G . 28.43 23.26 15.11
O3 FRU G . 28.28 21.46 17.42
O4 FRU G . 25.27 21.06 17.18
O5 FRU G . 26.87 21.80 14.11
O6 FRU G . 24.73 23.14 13.09
C1 FRU G . 31.23 19.26 13.48
C2 FRU G . 29.77 18.86 13.69
C3 FRU G . 29.53 17.45 14.19
C4 FRU G . 28.08 17.19 13.79
C5 FRU G . 28.01 17.89 12.45
C6 FRU G . 26.70 18.60 12.18
O1 FRU G . 31.93 18.25 12.74
O3 FRU G . 29.68 17.34 15.59
O4 FRU G . 27.76 15.80 13.75
O5 FRU G . 29.06 18.88 12.45
O6 FRU G . 26.76 19.14 10.86
C1 GLC H . 17.65 15.43 -15.62
C2 GLC H . 17.54 16.95 -15.82
C3 GLC H . 18.89 17.52 -16.26
C4 GLC H . 19.98 17.11 -15.27
C5 GLC H . 19.98 15.59 -15.03
C6 GLC H . 20.98 15.19 -13.95
O2 GLC H . 16.51 17.23 -16.78
O3 GLC H . 18.84 18.94 -16.33
O4 GLC H . 21.24 17.53 -15.80
O5 GLC H . 18.66 15.14 -14.64
O6 GLC H . 20.44 15.56 -12.69
C1 FRU H . 15.80 14.06 -17.79
C2 FRU H . 17.12 13.55 -17.23
C3 FRU H . 17.98 12.83 -18.27
C4 FRU H . 18.83 11.92 -17.40
C5 FRU H . 17.88 11.52 -16.28
C6 FRU H . 18.58 11.14 -14.98
O1 FRU H . 14.91 13.00 -18.16
O2 FRU H . 17.81 14.70 -16.73
O3 FRU H . 18.74 13.73 -19.08
O4 FRU H . 19.32 10.78 -18.10
O5 FRU H . 16.96 12.61 -16.15
O6 FRU H . 19.58 12.10 -14.62
C1 FRU H . 12.95 14.13 -19.12
C2 FRU H . 13.57 13.08 -18.21
C3 FRU H . 13.13 11.65 -18.55
C4 FRU H . 13.22 10.94 -17.20
C5 FRU H . 12.65 12.04 -16.29
C6 FRU H . 13.00 12.00 -14.82
O1 FRU H . 11.54 14.25 -18.84
O3 FRU H . 13.93 11.07 -19.59
O4 FRU H . 12.50 9.70 -17.21
O5 FRU H . 13.16 13.26 -16.85
O6 FRU H . 14.32 11.51 -14.69
C1 GLC I . 9.86 -13.44 22.68
C2 GLC I . 10.80 -12.88 23.75
C3 GLC I . 10.68 -13.70 25.03
C4 GLC I . 9.21 -13.82 25.46
C5 GLC I . 8.31 -14.28 24.32
C6 GLC I . 6.83 -14.24 24.72
O2 GLC I . 12.15 -12.87 23.24
O3 GLC I . 11.45 -13.12 26.09
O4 GLC I . 9.09 -14.75 26.54
O5 GLC I . 8.52 -13.44 23.18
O6 GLC I . 6.38 -12.87 24.85
C1 FRU I . 11.66 -14.61 20.26
C2 FRU I . 10.34 -15.16 20.79
C3 FRU I . 10.28 -16.70 20.83
C4 FRU I . 8.79 -16.98 20.72
C5 FRU I . 8.30 -15.87 19.82
C6 FRU I . 6.83 -15.49 20.05
O1 FRU I . 11.87 -14.93 18.87
O2 FRU I . 10.18 -14.61 22.11
O3 FRU I . 10.85 -17.25 22.01
O4 FRU I . 8.49 -18.26 20.17
O5 FRU I . 9.20 -14.77 20.00
O6 FRU I . 6.50 -15.46 21.45
C1 FRU I . 14.15 -14.12 18.34
C2 FRU I . 12.67 -14.30 18.00
C3 FRU I . 12.44 -14.91 16.62
C4 FRU I . 11.04 -14.37 16.27
C5 FRU I . 11.19 -12.93 16.77
C6 FRU I . 9.93 -12.12 17.06
O1 FRU I . 14.74 -13.13 17.48
O3 FRU I . 12.54 -16.34 16.66
O4 FRU I . 10.75 -14.56 14.88
O5 FRU I . 11.97 -13.03 17.96
O6 FRU I . 9.07 -12.89 17.89
#